data_9EM9
#
_entry.id   9EM9
#
_cell.length_a   1.00
_cell.length_b   1.00
_cell.length_c   1.00
_cell.angle_alpha   90.00
_cell.angle_beta   90.00
_cell.angle_gamma   90.00
#
_symmetry.space_group_name_H-M   'P 1'
#
loop_
_entity.id
_entity.type
_entity.pdbx_description
1 polymer 'Slr0869 protein'
2 non-polymer 'PHOSPHOAMINOPHOSPHONIC ACID-GUANYLATE ESTER'
3 non-polymer 'MAGNESIUM ION'
#
_entity_poly.entity_id   1
_entity_poly.type   'polypeptide(L)'
_entity_poly.pdbx_seq_one_letter_code
;MSKIAPQCQNLREQVNQLIELLRQEPTLRSQQDTSIVETALGKALSPRFEIVFAGAFSAGKSMLINALLERELLYSAEGH
ATGTECHIEYANANEERVVLTFLSEAEIRQQALILAKYLNVNVGDLNINQPEAVKVVSQYCQKIIAEEGGENKSERAKQA
NALHLLLIGFEQNRERINTVQNSTYSMDQLNFSSLAEAAGYARRGANSAVLKRLDYFCNHSLLKDGNVLVDLPGIDAPVK
EDAERAYRKIESPDTSAVICVLKPAAAGDMSAEETQLLERISKNHGIRDRVFYVFNRIDDTWYNTQLRQRLEGLIQSQFR
DNSRVYKTSGLLGFYGSQVKQTNSSTRFGLDSIFATTIKGFDGEEETPQFVSEFNNYCANSGKLLSTAFRVSVNGYETSN
ENYVRILSEWGIPLVDQLIHDSGIESFRSGIGLYLAEEKYPELFATLANDLQPLCIALRQFYLENYRQLDSQPGSGSGSG
GSKIARNSRLQSEIKQKIDLYQTSIVSINECLKAMQIFEQLPHHHHHH
;
_entity_poly.pdbx_strand_id   A,B
#
loop_
_chem_comp.id
_chem_comp.type
_chem_comp.name
_chem_comp.formula
GNP non-polymer 'PHOSPHOAMINOPHOSPHONIC ACID-GUANYLATE ESTER' 'C10 H17 N6 O13 P3'
MG non-polymer 'MAGNESIUM ION' 'Mg 2'
#
# COMPACT_ATOMS: atom_id res chain seq x y z
N SER A 2 15.51 25.56 -24.41
CA SER A 2 16.53 26.08 -25.31
C SER A 2 16.34 27.57 -25.54
N LYS A 3 17.40 28.23 -26.02
CA LYS A 3 17.37 29.67 -26.18
C LYS A 3 16.39 30.07 -27.29
N ILE A 4 15.89 31.30 -27.19
CA ILE A 4 14.71 31.73 -27.92
C ILE A 4 15.15 32.59 -29.10
N ALA A 5 14.72 32.22 -30.31
CA ALA A 5 15.00 33.02 -31.48
C ALA A 5 14.19 34.31 -31.44
N PRO A 6 14.66 35.36 -32.13
CA PRO A 6 14.08 36.70 -31.88
C PRO A 6 12.64 36.81 -32.31
N GLN A 7 12.24 36.12 -33.37
CA GLN A 7 10.83 36.02 -33.72
C GLN A 7 10.05 35.33 -32.61
N CYS A 8 10.56 34.21 -32.12
CA CYS A 8 9.92 33.51 -31.01
C CYS A 8 9.89 34.39 -29.76
N GLN A 9 10.90 35.24 -29.59
CA GLN A 9 10.91 36.23 -28.51
C GLN A 9 9.80 37.26 -28.66
N ASN A 10 9.56 37.74 -29.88
CA ASN A 10 8.47 38.67 -30.13
C ASN A 10 7.10 38.00 -30.12
N LEU A 11 7.05 36.68 -30.29
CA LEU A 11 5.79 35.96 -30.45
C LEU A 11 4.83 36.20 -29.30
N ARG A 12 5.34 36.44 -28.09
CA ARG A 12 4.46 36.66 -26.94
C ARG A 12 3.51 37.84 -27.19
N GLU A 13 4.07 38.96 -27.64
CA GLU A 13 3.24 40.10 -28.03
C GLU A 13 2.24 39.70 -29.10
N GLN A 14 2.71 39.01 -30.14
CA GLN A 14 1.85 38.70 -31.28
C GLN A 14 0.67 37.82 -30.86
N VAL A 15 0.93 36.83 -30.00
CA VAL A 15 -0.14 35.94 -29.52
C VAL A 15 -1.09 36.66 -28.57
N ASN A 16 -0.58 37.50 -27.67
CA ASN A 16 -1.48 38.31 -26.85
C ASN A 16 -2.34 39.23 -27.69
N GLN A 17 -1.73 39.87 -28.70
CA GLN A 17 -2.44 40.78 -29.57
C GLN A 17 -3.54 40.06 -30.37
N LEU A 18 -3.20 38.91 -30.94
CA LEU A 18 -4.19 38.05 -31.61
C LEU A 18 -5.34 37.67 -30.68
N ILE A 19 -5.02 37.28 -29.44
CA ILE A 19 -6.07 36.94 -28.48
C ILE A 19 -6.94 38.14 -28.19
N GLU A 20 -6.36 39.34 -28.14
CA GLU A 20 -7.18 40.54 -28.02
C GLU A 20 -8.07 40.77 -29.24
N LEU A 21 -7.54 40.51 -30.44
CA LEU A 21 -8.35 40.62 -31.66
C LEU A 21 -9.51 39.64 -31.65
N LEU A 22 -9.34 38.47 -31.05
CA LEU A 22 -10.45 37.54 -30.89
C LEU A 22 -11.43 38.03 -29.83
N ARG A 23 -10.92 38.42 -28.66
CA ARG A 23 -11.76 38.86 -27.55
C ARG A 23 -12.69 40.00 -27.95
N GLN A 24 -12.27 40.82 -28.90
CA GLN A 24 -13.10 41.91 -29.39
C GLN A 24 -14.48 41.44 -29.84
N GLU A 25 -14.61 40.21 -30.34
CA GLU A 25 -15.91 39.76 -30.84
C GLU A 25 -16.52 38.76 -29.86
N PRO A 26 -17.69 39.10 -29.30
CA PRO A 26 -18.36 38.17 -28.36
C PRO A 26 -18.64 36.79 -28.91
N THR A 27 -18.91 36.67 -30.21
CA THR A 27 -19.14 35.36 -30.82
C THR A 27 -17.95 34.43 -30.65
N LEU A 28 -16.75 34.90 -30.99
CA LEU A 28 -15.55 34.08 -30.80
C LEU A 28 -15.21 33.91 -29.32
N ARG A 29 -15.37 34.97 -28.53
CA ARG A 29 -15.08 34.88 -27.10
C ARG A 29 -15.91 33.80 -26.43
N SER A 30 -17.20 33.72 -26.76
CA SER A 30 -18.05 32.63 -26.28
C SER A 30 -17.73 31.30 -26.96
N GLN A 31 -17.35 31.34 -28.23
CA GLN A 31 -17.07 30.10 -28.96
C GLN A 31 -15.79 29.43 -28.51
N GLN A 32 -14.76 30.21 -28.18
CA GLN A 32 -13.42 29.66 -27.99
C GLN A 32 -12.90 29.95 -26.59
N ASP A 33 -12.15 28.99 -26.05
CA ASP A 33 -11.51 29.08 -24.74
C ASP A 33 -10.09 29.60 -24.89
N THR A 34 -9.98 30.92 -25.04
CA THR A 34 -8.68 31.56 -25.19
C THR A 34 -7.74 31.24 -24.03
N SER A 35 -8.28 31.01 -22.82
CA SER A 35 -7.45 30.69 -21.67
C SER A 35 -6.54 29.49 -21.92
N ILE A 36 -6.98 28.53 -22.75
CA ILE A 36 -6.15 27.39 -23.10
C ILE A 36 -4.92 27.82 -23.87
N VAL A 37 -5.12 28.65 -24.90
CA VAL A 37 -3.98 29.19 -25.66
C VAL A 37 -3.10 30.05 -24.79
N GLU A 38 -3.68 30.88 -23.93
CA GLU A 38 -2.89 31.71 -23.03
C GLU A 38 -2.02 30.89 -22.09
N THR A 39 -2.56 29.77 -21.59
CA THR A 39 -1.75 28.83 -20.80
C THR A 39 -0.66 28.17 -21.63
N ALA A 40 -0.98 27.76 -22.86
CA ALA A 40 0.05 27.16 -23.70
C ALA A 40 1.17 28.16 -24.00
N LEU A 41 0.81 29.43 -24.22
CA LEU A 41 1.82 30.48 -24.33
C LEU A 41 2.64 30.63 -23.05
N GLY A 42 1.97 30.60 -21.90
CA GLY A 42 2.69 30.66 -20.64
C GLY A 42 3.72 29.56 -20.48
N LYS A 43 3.38 28.35 -20.92
CA LYS A 43 4.38 27.27 -20.99
C LYS A 43 5.47 27.58 -22.00
N ALA A 44 5.09 28.03 -23.20
CA ALA A 44 6.06 28.31 -24.25
C ALA A 44 7.08 29.36 -23.82
N LEU A 45 6.69 30.29 -22.96
CA LEU A 45 7.63 31.27 -22.42
C LEU A 45 8.66 30.62 -21.51
N SER A 46 8.30 29.49 -20.91
CA SER A 46 9.21 28.59 -20.20
C SER A 46 10.23 29.27 -19.30
N PRO A 47 9.81 30.13 -18.36
CA PRO A 47 10.73 30.53 -17.30
C PRO A 47 11.12 29.37 -16.41
N ARG A 48 10.29 28.33 -16.34
CA ARG A 48 10.59 27.08 -15.69
C ARG A 48 10.00 25.95 -16.53
N PHE A 49 10.49 24.74 -16.27
CA PHE A 49 9.79 23.52 -16.69
C PHE A 49 9.95 22.53 -15.55
N GLU A 50 8.94 22.45 -14.70
CA GLU A 50 9.03 21.71 -13.44
C GLU A 50 8.60 20.27 -13.65
N ILE A 51 9.50 19.34 -13.32
CA ILE A 51 9.28 17.91 -13.48
C ILE A 51 8.95 17.35 -12.11
N VAL A 52 7.81 16.69 -11.99
CA VAL A 52 7.30 16.24 -10.70
C VAL A 52 7.44 14.73 -10.62
N PHE A 53 8.13 14.25 -9.59
CA PHE A 53 8.35 12.83 -9.36
C PHE A 53 7.31 12.23 -8.43
N ALA A 54 6.04 12.47 -8.72
CA ALA A 54 4.97 11.95 -7.89
C ALA A 54 4.89 10.44 -8.02
N GLY A 55 4.87 9.75 -6.88
CA GLY A 55 4.81 8.30 -6.92
C GLY A 55 4.66 7.73 -5.53
N ALA A 56 4.41 6.43 -5.48
CA ALA A 56 3.90 5.78 -4.28
C ALA A 56 4.86 5.89 -3.11
N PHE A 57 4.31 5.68 -1.92
CA PHE A 57 5.08 5.61 -0.69
C PHE A 57 6.18 4.55 -0.74
N SER A 58 7.40 4.96 -0.37
CA SER A 58 8.59 4.11 -0.46
C SER A 58 8.79 3.48 -1.84
N ALA A 59 8.36 4.14 -2.90
CA ALA A 59 8.67 3.64 -4.23
C ALA A 59 10.04 4.07 -4.74
N GLY A 60 10.82 4.80 -3.94
CA GLY A 60 12.20 5.10 -4.30
C GLY A 60 12.40 6.30 -5.20
N LYS A 61 11.46 7.24 -5.22
CA LYS A 61 11.55 8.36 -6.15
C LYS A 61 12.65 9.34 -5.77
N SER A 62 12.87 9.56 -4.47
CA SER A 62 13.99 10.39 -4.06
C SER A 62 15.32 9.71 -4.39
N MET A 63 15.41 8.39 -4.19
CA MET A 63 16.59 7.68 -4.66
C MET A 63 16.78 7.89 -6.15
N LEU A 64 15.70 7.73 -6.93
CA LEU A 64 15.80 7.84 -8.37
C LEU A 64 16.29 9.21 -8.82
N ILE A 65 15.96 10.26 -8.07
CA ILE A 65 16.50 11.58 -8.43
C ILE A 65 18.00 11.66 -8.16
N ASN A 66 18.49 11.01 -7.11
CA ASN A 66 19.94 10.85 -6.93
C ASN A 66 20.55 10.07 -8.09
N ALA A 67 19.82 9.09 -8.61
CA ALA A 67 20.29 8.34 -9.77
C ALA A 67 20.40 9.22 -11.00
N LEU A 68 19.41 10.09 -11.23
CA LEU A 68 19.48 11.01 -12.35
C LEU A 68 20.60 12.03 -12.18
N LEU A 69 20.89 12.43 -10.96
CA LEU A 69 21.96 13.39 -10.72
C LEU A 69 23.32 12.73 -10.56
N GLU A 70 23.37 11.41 -10.37
CA GLU A 70 24.60 10.67 -10.09
C GLU A 70 25.33 11.30 -8.90
N ARG A 71 24.57 11.74 -7.92
CA ARG A 71 25.10 12.42 -6.76
C ARG A 71 24.13 12.19 -5.61
N GLU A 72 24.64 12.19 -4.38
CA GLU A 72 23.74 12.25 -3.23
C GLU A 72 23.30 13.69 -3.01
N LEU A 73 21.99 13.90 -3.00
CA LEU A 73 21.43 15.17 -2.51
C LEU A 73 20.28 14.90 -1.57
N LEU A 74 19.29 14.17 -2.05
CA LEU A 74 18.06 13.96 -1.29
C LEU A 74 18.24 12.84 -0.27
N TYR A 75 17.76 13.08 0.95
CA TYR A 75 17.77 12.05 1.96
C TYR A 75 16.78 10.95 1.61
N SER A 76 17.10 9.73 2.02
CA SER A 76 16.36 8.57 1.57
C SER A 76 16.55 7.43 2.57
N ALA A 77 15.43 6.87 3.03
CA ALA A 77 15.45 5.75 3.96
C ALA A 77 14.13 5.02 3.85
N GLU A 78 14.11 3.79 4.35
CA GLU A 78 12.87 3.04 4.39
C GLU A 78 11.89 3.67 5.37
N GLY A 79 10.61 3.46 5.10
CA GLY A 79 9.58 4.28 5.70
C GLY A 79 9.53 5.65 5.03
N HIS A 80 8.74 6.53 5.63
CA HIS A 80 8.71 7.92 5.16
C HIS A 80 10.04 8.59 5.44
N ALA A 81 10.61 9.21 4.40
CA ALA A 81 11.81 10.01 4.58
C ALA A 81 11.79 11.26 3.70
N THR A 82 10.61 11.65 3.22
CA THR A 82 10.46 12.66 2.18
C THR A 82 9.23 13.52 2.50
N GLY A 83 9.01 13.79 3.78
CA GLY A 83 7.80 14.43 4.23
C GLY A 83 7.60 15.88 3.83
N THR A 84 8.25 16.33 2.78
CA THR A 84 8.14 17.73 2.39
C THR A 84 8.48 17.91 0.91
N GLU A 85 7.77 18.84 0.29
CA GLU A 85 8.07 19.26 -1.08
C GLU A 85 9.49 19.77 -1.18
N CYS A 86 10.15 19.46 -2.29
CA CYS A 86 11.56 19.81 -2.46
C CYS A 86 11.83 20.09 -3.93
N HIS A 87 12.75 21.03 -4.17
CA HIS A 87 13.07 21.51 -5.50
C HIS A 87 14.57 21.40 -5.71
N ILE A 88 14.97 21.15 -6.95
CA ILE A 88 16.37 21.23 -7.36
C ILE A 88 16.46 22.10 -8.61
N GLU A 89 17.41 23.03 -8.61
CA GLU A 89 17.52 24.04 -9.65
C GLU A 89 18.99 24.20 -10.01
N TYR A 90 19.24 24.69 -11.22
CA TYR A 90 20.62 24.88 -11.66
C TYR A 90 21.25 26.08 -10.98
N ALA A 91 22.51 25.92 -10.57
CA ALA A 91 23.38 27.05 -10.29
C ALA A 91 24.83 26.62 -10.48
N ASN A 92 25.70 27.61 -10.65
CA ASN A 92 27.11 27.35 -10.91
C ASN A 92 27.83 26.95 -9.62
N ALA A 93 29.10 26.56 -9.80
CA ALA A 93 29.88 25.96 -8.72
C ALA A 93 29.93 26.83 -7.47
N ASN A 94 30.13 28.15 -7.66
CA ASN A 94 30.16 29.06 -6.52
C ASN A 94 28.78 29.36 -5.94
N GLU A 95 27.72 28.97 -6.63
CA GLU A 95 26.36 29.35 -6.27
C GLU A 95 25.59 28.24 -5.55
N GLU A 96 26.15 27.03 -5.49
CA GLU A 96 25.46 25.91 -4.89
C GLU A 96 25.10 26.20 -3.44
N ARG A 97 23.83 26.02 -3.10
CA ARG A 97 23.33 26.40 -1.79
C ARG A 97 22.02 25.67 -1.53
N VAL A 98 21.62 25.68 -0.26
CA VAL A 98 20.30 25.24 0.17
C VAL A 98 19.52 26.48 0.58
N VAL A 99 18.28 26.59 0.10
CA VAL A 99 17.39 27.68 0.47
C VAL A 99 16.11 27.09 1.02
N LEU A 100 15.83 27.37 2.29
CA LEU A 100 14.62 26.94 2.96
C LEU A 100 13.50 27.95 2.72
N THR A 101 12.28 27.55 3.09
CA THR A 101 11.14 28.46 3.06
C THR A 101 10.16 28.03 4.14
N PHE A 102 9.96 28.91 5.12
CA PHE A 102 9.22 28.57 6.33
C PHE A 102 7.75 28.94 6.17
N LEU A 103 6.88 28.12 6.77
CA LEU A 103 5.51 28.54 7.04
C LEU A 103 5.49 29.69 8.05
N SER A 104 4.48 30.55 7.92
CA SER A 104 4.28 31.63 8.87
C SER A 104 3.56 31.12 10.12
N GLU A 105 3.64 31.94 11.18
CA GLU A 105 2.77 31.78 12.34
C GLU A 105 1.30 31.65 11.96
N ALA A 106 0.84 32.46 11.01
CA ALA A 106 -0.56 32.38 10.59
C ALA A 106 -0.93 30.99 10.07
N GLU A 107 -0.09 30.43 9.19
CA GLU A 107 -0.32 29.09 8.68
C GLU A 107 -0.20 28.03 9.77
N ILE A 108 0.83 28.12 10.61
CA ILE A 108 1.03 27.13 11.65
C ILE A 108 -0.14 27.14 12.63
N ARG A 109 -0.58 28.33 13.02
CA ARG A 109 -1.73 28.46 13.91
C ARG A 109 -3.00 27.91 13.26
N GLN A 110 -3.25 28.25 12.00
CA GLN A 110 -4.41 27.71 11.30
C GLN A 110 -4.40 26.19 11.29
N GLN A 111 -3.26 25.60 10.94
CA GLN A 111 -3.13 24.14 10.94
C GLN A 111 -3.35 23.55 12.33
N ALA A 112 -2.74 24.15 13.34
CA ALA A 112 -2.91 23.66 14.71
C ALA A 112 -4.35 23.76 15.17
N LEU A 113 -5.04 24.85 14.79
CA LEU A 113 -6.45 24.99 15.13
C LEU A 113 -7.31 23.92 14.45
N ILE A 114 -7.03 23.63 13.18
CA ILE A 114 -7.78 22.60 12.48
C ILE A 114 -7.55 21.23 13.13
N LEU A 115 -6.29 20.93 13.45
CA LEU A 115 -5.98 19.68 14.15
C LEU A 115 -6.69 19.60 15.49
N ALA A 116 -6.57 20.65 16.31
CA ALA A 116 -7.21 20.67 17.62
C ALA A 116 -8.72 20.49 17.52
N LYS A 117 -9.34 21.15 16.53
CA LYS A 117 -10.77 20.98 16.29
C LYS A 117 -11.12 19.53 15.97
N TYR A 118 -10.36 18.90 15.07
CA TYR A 118 -10.61 17.48 14.77
C TYR A 118 -10.43 16.63 16.02
N LEU A 119 -9.35 16.86 16.77
CA LEU A 119 -9.04 16.14 17.98
C LEU A 119 -10.02 16.40 19.11
N ASN A 120 -10.90 17.40 18.97
CA ASN A 120 -11.74 17.90 20.06
C ASN A 120 -10.89 18.37 21.23
N VAL A 121 -9.69 18.87 20.95
CA VAL A 121 -8.85 19.52 21.95
C VAL A 121 -9.52 20.83 22.36
N ASN A 122 -10.10 20.86 23.56
CA ASN A 122 -10.86 22.00 24.05
C ASN A 122 -9.91 23.07 24.58
N VAL A 123 -9.31 23.82 23.66
CA VAL A 123 -8.39 24.91 23.98
C VAL A 123 -8.81 26.13 23.17
N GLY A 124 -8.64 27.31 23.76
CA GLY A 124 -8.95 28.55 23.09
C GLY A 124 -7.95 28.93 22.01
N ASP A 125 -7.67 30.23 21.87
CA ASP A 125 -6.66 30.69 20.93
C ASP A 125 -5.31 30.01 21.21
N LEU A 126 -4.77 29.36 20.18
CA LEU A 126 -3.48 28.67 20.27
C LEU A 126 -2.36 29.70 20.16
N ASN A 127 -2.23 30.50 21.22
CA ASN A 127 -1.14 31.48 21.29
C ASN A 127 0.17 30.77 21.58
N ILE A 128 0.70 30.08 20.58
CA ILE A 128 1.95 29.31 20.69
C ILE A 128 3.13 30.22 20.95
N ASN A 129 2.92 31.54 20.95
CA ASN A 129 3.91 32.47 21.46
C ASN A 129 4.17 32.29 22.95
N GLN A 130 3.26 31.63 23.68
CA GLN A 130 3.55 31.19 25.04
C GLN A 130 4.11 29.77 25.01
N PRO A 131 5.39 29.56 25.34
CA PRO A 131 5.88 28.21 25.61
C PRO A 131 5.06 27.45 26.63
N GLU A 132 4.43 28.15 27.58
CA GLU A 132 3.48 27.52 28.49
C GLU A 132 2.30 26.90 27.74
N ALA A 133 1.71 27.66 26.81
CA ALA A 133 0.63 27.12 25.99
C ALA A 133 1.11 25.98 25.11
N VAL A 134 2.28 26.11 24.49
CA VAL A 134 2.86 25.03 23.71
C VAL A 134 3.00 23.77 24.56
N LYS A 135 3.51 23.91 25.78
CA LYS A 135 3.61 22.80 26.71
C LYS A 135 2.25 22.17 27.02
N VAL A 136 1.25 23.00 27.31
CA VAL A 136 -0.08 22.50 27.61
C VAL A 136 -0.65 21.71 26.43
N VAL A 137 -0.55 22.26 25.22
CA VAL A 137 -1.13 21.59 24.05
C VAL A 137 -0.36 20.32 23.70
N SER A 138 0.97 20.34 23.82
CA SER A 138 1.74 19.11 23.58
C SER A 138 1.50 18.05 24.65
N GLN A 139 1.25 18.46 25.90
CA GLN A 139 0.81 17.50 26.92
C GLN A 139 -0.56 16.92 26.62
N TYR A 140 -1.49 17.73 26.11
CA TYR A 140 -2.75 17.19 25.60
C TYR A 140 -2.51 16.19 24.48
N CYS A 141 -1.64 16.52 23.54
CA CYS A 141 -1.35 15.61 22.43
C CYS A 141 -0.76 14.29 22.92
N GLN A 142 0.21 14.36 23.82
CA GLN A 142 0.82 13.15 24.38
C GLN A 142 -0.19 12.31 25.16
N LYS A 143 -1.04 12.95 25.96
CA LYS A 143 -2.10 12.24 26.66
C LYS A 143 -3.06 11.55 25.69
N ILE A 144 -3.47 12.25 24.64
CA ILE A 144 -4.31 11.64 23.62
C ILE A 144 -3.61 10.45 22.97
N ILE A 145 -2.35 10.61 22.59
CA ILE A 145 -1.61 9.51 21.96
C ILE A 145 -1.52 8.30 22.89
N ALA A 146 -1.30 8.53 24.18
CA ALA A 146 -1.30 7.44 25.15
C ALA A 146 -2.67 6.78 25.29
N GLU A 147 -3.74 7.57 25.32
CA GLU A 147 -5.08 6.99 25.44
C GLU A 147 -5.49 6.22 24.19
N GLU A 148 -5.10 6.70 23.01
CA GLU A 148 -5.24 5.91 21.80
C GLU A 148 -4.37 4.66 21.82
N GLY A 149 -3.27 4.70 22.55
CA GLY A 149 -2.48 3.51 22.80
C GLY A 149 -1.30 3.31 21.88
N GLY A 150 -0.86 4.34 21.18
CA GLY A 150 0.31 4.26 20.31
C GLY A 150 0.17 5.01 19.02
N GLU A 151 1.32 5.43 18.47
CA GLU A 151 1.37 6.43 17.40
C GLU A 151 0.64 6.01 16.13
N ASN A 152 0.42 4.72 15.90
CA ASN A 152 -0.43 4.29 14.79
C ASN A 152 -1.60 3.41 15.23
N LYS A 153 -1.98 3.45 16.51
CA LYS A 153 -3.21 2.78 16.91
C LYS A 153 -4.46 3.48 16.39
N SER A 154 -4.37 4.77 16.05
CA SER A 154 -5.57 5.56 15.80
C SER A 154 -5.24 6.70 14.85
N GLU A 155 -6.22 7.05 14.01
CA GLU A 155 -6.12 8.28 13.23
C GLU A 155 -5.99 9.50 14.14
N ARG A 156 -6.73 9.48 15.25
CA ARG A 156 -6.60 10.55 16.24
C ARG A 156 -5.20 10.60 16.82
N ALA A 157 -4.57 9.44 16.99
CA ALA A 157 -3.19 9.40 17.44
C ALA A 157 -2.24 9.97 16.40
N LYS A 158 -2.44 9.60 15.13
CA LYS A 158 -1.62 10.13 14.05
C LYS A 158 -1.71 11.65 13.97
N GLN A 159 -2.93 12.19 13.98
CA GLN A 159 -3.08 13.65 13.93
C GLN A 159 -2.56 14.34 15.18
N ALA A 160 -2.68 13.70 16.35
CA ALA A 160 -2.06 14.26 17.55
C ALA A 160 -0.55 14.30 17.44
N ASN A 161 0.06 13.22 16.92
CA ASN A 161 1.50 13.20 16.70
C ASN A 161 1.93 14.26 15.69
N ALA A 162 1.12 14.47 14.64
CA ALA A 162 1.41 15.54 13.69
C ALA A 162 1.37 16.91 14.35
N LEU A 163 0.37 17.16 15.19
CA LEU A 163 0.31 18.41 15.92
C LEU A 163 1.50 18.57 16.86
N HIS A 164 1.88 17.49 17.54
CA HIS A 164 3.01 17.50 18.46
C HIS A 164 4.31 17.84 17.74
N LEU A 165 4.55 17.20 16.60
CA LEU A 165 5.71 17.54 15.77
C LEU A 165 5.66 18.97 15.29
N LEU A 166 4.49 19.46 14.88
CA LEU A 166 4.39 20.85 14.41
C LEU A 166 4.73 21.84 15.52
N LEU A 167 4.21 21.59 16.72
CA LEU A 167 4.51 22.44 17.88
C LEU A 167 5.99 22.41 18.24
N ILE A 168 6.58 21.22 18.30
CA ILE A 168 8.01 21.13 18.57
C ILE A 168 8.82 21.82 17.49
N GLY A 169 8.38 21.72 16.23
CA GLY A 169 9.05 22.44 15.15
C GLY A 169 9.03 23.95 15.35
N PHE A 170 7.86 24.49 15.70
CA PHE A 170 7.78 25.92 15.98
C PHE A 170 8.64 26.30 17.17
N GLU A 171 8.61 25.51 18.24
CA GLU A 171 9.45 25.79 19.40
C GLU A 171 10.93 25.80 19.02
N GLN A 172 11.36 24.86 18.17
CA GLN A 172 12.72 24.86 17.65
C GLN A 172 13.00 26.04 16.72
N ASN A 173 11.98 26.65 16.13
CA ASN A 173 12.21 27.54 15.01
C ASN A 173 11.61 28.93 15.20
N ARG A 174 11.12 29.25 16.41
CA ARG A 174 10.57 30.57 16.67
C ARG A 174 11.60 31.69 16.46
N GLU A 175 12.89 31.35 16.52
CA GLU A 175 13.93 32.28 16.12
C GLU A 175 13.82 32.69 14.65
N ARG A 176 13.33 31.80 13.80
CA ARG A 176 13.33 32.02 12.36
C ARG A 176 11.95 32.22 11.75
N ILE A 177 10.91 31.63 12.35
CA ILE A 177 9.56 31.77 11.81
C ILE A 177 9.08 33.21 12.01
N ASN A 178 8.70 33.86 10.92
CA ASN A 178 8.03 35.14 11.00
C ASN A 178 6.53 34.96 11.25
N THR A 179 5.94 35.97 11.89
CA THR A 179 4.52 35.92 12.24
C THR A 179 3.63 35.83 11.01
N VAL A 180 3.99 36.53 9.93
CA VAL A 180 3.09 36.63 8.79
C VAL A 180 3.82 36.30 7.49
N GLN A 181 5.07 36.71 7.39
CA GLN A 181 5.85 36.39 6.21
C GLN A 181 6.37 34.95 6.27
N ASN A 182 6.65 34.41 5.09
CA ASN A 182 7.39 33.16 4.96
C ASN A 182 8.87 33.49 4.96
N SER A 183 9.54 33.18 6.08
CA SER A 183 10.96 33.51 6.21
C SER A 183 11.79 32.71 5.21
N THR A 184 12.82 33.34 4.68
CA THR A 184 13.82 32.68 3.86
C THR A 184 15.08 32.46 4.68
N TYR A 185 15.63 31.25 4.59
CA TYR A 185 16.84 30.90 5.32
C TYR A 185 17.65 29.94 4.47
N SER A 186 18.96 29.96 4.69
CA SER A 186 19.89 29.30 3.77
C SER A 186 20.86 28.43 4.54
N MET A 187 21.35 27.40 3.87
CA MET A 187 22.60 26.73 4.20
C MET A 187 23.57 26.93 3.05
N ASP A 188 24.85 27.10 3.37
CA ASP A 188 25.84 27.54 2.42
C ASP A 188 26.92 26.47 2.30
N GLN A 189 27.58 26.43 1.15
CA GLN A 189 28.39 25.30 0.76
C GLN A 189 29.85 25.60 1.06
N LEU A 190 30.45 24.78 1.93
CA LEU A 190 31.89 24.56 1.97
C LEU A 190 32.12 23.08 1.68
N ASN A 191 31.94 22.23 2.69
CA ASN A 191 31.66 20.82 2.47
C ASN A 191 30.15 20.69 2.38
N PHE A 192 29.65 20.68 1.14
CA PHE A 192 28.21 20.56 0.89
C PHE A 192 27.60 19.38 1.62
N SER A 193 28.21 18.20 1.51
CA SER A 193 27.66 17.03 2.18
C SER A 193 27.72 17.17 3.70
N SER A 194 28.88 17.53 4.24
CA SER A 194 29.07 17.45 5.68
C SER A 194 28.29 18.54 6.42
N LEU A 195 28.44 19.81 6.01
CA LEU A 195 27.62 20.87 6.56
C LEU A 195 26.24 20.98 5.89
N ALA A 196 26.22 21.19 4.58
CA ALA A 196 25.04 21.72 3.92
C ALA A 196 23.94 20.66 3.79
N GLU A 197 24.25 19.53 3.18
CA GLU A 197 23.25 18.47 3.02
C GLU A 197 22.86 17.84 4.35
N ALA A 198 23.77 17.80 5.32
CA ALA A 198 23.39 17.36 6.66
C ALA A 198 22.35 18.28 7.29
N ALA A 199 22.59 19.58 7.27
CA ALA A 199 21.58 20.53 7.74
C ALA A 199 20.31 20.48 6.90
N GLY A 200 20.43 20.11 5.63
CA GLY A 200 19.27 19.79 4.81
C GLY A 200 18.39 18.66 5.27
N TYR A 201 18.94 17.45 5.40
CA TYR A 201 18.11 16.30 5.78
C TYR A 201 17.55 16.45 7.20
N ALA A 202 18.30 17.08 8.10
CA ALA A 202 17.79 17.33 9.44
C ALA A 202 16.52 18.16 9.40
N ARG A 203 16.34 18.98 8.37
CA ARG A 203 15.11 19.72 8.15
C ARG A 203 14.21 19.05 7.12
N ARG A 204 14.54 17.83 6.70
CA ARG A 204 13.78 17.13 5.68
C ARG A 204 13.39 15.72 6.15
N GLY A 205 14.38 14.91 6.50
CA GLY A 205 14.13 13.55 6.96
C GLY A 205 13.47 13.48 8.32
N ALA A 206 13.50 14.57 9.10
CA ALA A 206 12.68 14.63 10.30
C ALA A 206 11.18 14.76 9.98
N ASN A 207 10.83 15.12 8.74
CA ASN A 207 9.45 15.38 8.35
C ASN A 207 8.87 16.59 9.10
N SER A 208 9.73 17.51 9.54
CA SER A 208 9.25 18.70 10.22
C SER A 208 8.34 19.53 9.31
N ALA A 209 7.10 19.71 9.74
CA ALA A 209 6.05 20.36 8.96
C ALA A 209 6.21 21.87 8.88
N VAL A 210 7.25 22.43 9.51
CA VAL A 210 7.42 23.88 9.48
C VAL A 210 7.84 24.38 8.10
N LEU A 211 8.50 23.54 7.31
CA LEU A 211 8.92 23.93 5.98
C LEU A 211 7.89 23.52 4.93
N LYS A 212 7.78 24.33 3.89
CA LYS A 212 7.04 23.95 2.70
C LYS A 212 7.89 23.90 1.43
N ARG A 213 9.18 24.22 1.52
CA ARG A 213 10.06 24.08 0.37
C ARG A 213 11.50 24.03 0.85
N LEU A 214 12.28 23.12 0.27
CA LEU A 214 13.74 23.17 0.29
C LEU A 214 14.24 23.21 -1.15
N ASP A 215 14.97 24.26 -1.50
CA ASP A 215 15.52 24.41 -2.84
C ASP A 215 17.01 24.08 -2.80
N TYR A 216 17.44 23.23 -3.74
CA TYR A 216 18.85 22.93 -3.94
C TYR A 216 19.32 23.53 -5.25
N PHE A 217 20.47 24.19 -5.22
CA PHE A 217 21.10 24.76 -6.39
C PHE A 217 22.35 23.97 -6.76
N CYS A 218 22.44 23.55 -8.02
CA CYS A 218 23.34 22.46 -8.40
C CYS A 218 23.83 22.66 -9.82
N ASN A 219 24.99 22.06 -10.11
CA ASN A 219 25.66 22.23 -11.40
C ASN A 219 25.30 21.19 -12.46
N HIS A 220 24.66 20.08 -12.09
CA HIS A 220 24.51 18.97 -13.01
C HIS A 220 23.70 19.36 -14.25
N SER A 221 24.22 18.97 -15.42
CA SER A 221 23.77 19.51 -16.70
C SER A 221 22.29 19.29 -16.95
N LEU A 222 21.69 18.27 -16.33
CA LEU A 222 20.25 18.04 -16.50
C LEU A 222 19.44 19.23 -16.02
N LEU A 223 19.95 19.98 -15.06
CA LEU A 223 19.27 21.17 -14.55
C LEU A 223 19.49 22.38 -15.44
N LYS A 224 20.55 22.39 -16.24
CA LYS A 224 21.16 23.64 -16.70
C LYS A 224 20.24 24.40 -17.66
N ASP A 225 19.43 23.70 -18.45
CA ASP A 225 18.58 24.35 -19.44
C ASP A 225 17.25 24.81 -18.87
N GLY A 226 17.24 25.27 -17.62
CA GLY A 226 16.04 25.80 -17.01
C GLY A 226 15.04 24.78 -16.54
N ASN A 227 15.43 23.52 -16.39
CA ASN A 227 14.53 22.47 -15.95
C ASN A 227 14.71 22.24 -14.46
N VAL A 228 13.60 22.16 -13.73
CA VAL A 228 13.63 22.11 -12.28
C VAL A 228 13.03 20.78 -11.85
N LEU A 229 13.82 19.97 -11.14
CA LEU A 229 13.34 18.70 -10.63
C LEU A 229 12.62 18.94 -9.31
N VAL A 230 11.36 18.50 -9.22
CA VAL A 230 10.58 18.61 -8.00
C VAL A 230 10.32 17.22 -7.45
N ASP A 231 10.68 17.02 -6.18
CA ASP A 231 10.35 15.81 -5.46
C ASP A 231 9.19 16.09 -4.52
N LEU A 232 8.40 15.05 -4.24
CA LEU A 232 7.23 15.20 -3.39
C LEU A 232 7.09 14.01 -2.46
N PRO A 233 6.47 14.21 -1.29
CA PRO A 233 6.20 13.07 -0.41
C PRO A 233 5.40 12.00 -1.13
N GLY A 234 5.55 10.76 -0.65
CA GLY A 234 4.65 9.70 -1.06
C GLY A 234 3.22 10.05 -0.75
N ILE A 235 2.36 10.02 -1.77
CA ILE A 235 0.98 10.48 -1.65
C ILE A 235 0.17 9.64 -0.68
N ASP A 236 0.67 8.48 -0.28
CA ASP A 236 0.15 7.79 0.91
C ASP A 236 0.90 8.24 2.16
N ALA A 237 0.86 9.54 2.38
CA ALA A 237 1.37 10.15 3.60
C ALA A 237 0.28 10.23 4.66
N PRO A 238 0.65 10.14 5.93
CA PRO A 238 -0.34 10.29 7.00
C PRO A 238 -0.76 11.73 7.19
N VAL A 239 0.12 12.67 6.86
CA VAL A 239 -0.26 14.09 6.81
C VAL A 239 -1.06 14.37 5.54
N LYS A 240 -2.39 14.29 5.67
CA LYS A 240 -3.28 14.29 4.51
C LYS A 240 -3.18 15.60 3.72
N GLU A 241 -2.94 16.71 4.41
CA GLU A 241 -2.89 18.01 3.74
C GLU A 241 -1.67 18.14 2.82
N ASP A 242 -0.49 17.67 3.24
CA ASP A 242 0.66 17.77 2.37
C ASP A 242 0.59 16.81 1.19
N ALA A 243 -0.15 15.70 1.33
CA ALA A 243 -0.53 14.90 0.17
C ALA A 243 -1.49 15.64 -0.77
N GLU A 244 -2.49 16.31 -0.21
CA GLU A 244 -3.38 17.11 -1.05
C GLU A 244 -2.64 18.25 -1.74
N ARG A 245 -1.68 18.87 -1.05
CA ARG A 245 -0.81 19.85 -1.67
C ARG A 245 0.09 19.23 -2.76
N ALA A 246 0.52 17.99 -2.57
CA ALA A 246 1.18 17.25 -3.65
C ALA A 246 0.28 17.14 -4.88
N TYR A 247 -0.99 16.78 -4.67
CA TYR A 247 -1.97 16.84 -5.75
C TYR A 247 -2.09 18.23 -6.35
N ARG A 248 -2.10 19.27 -5.52
CA ARG A 248 -2.12 20.65 -6.02
C ARG A 248 -0.94 20.92 -6.95
N LYS A 249 0.25 20.47 -6.54
CA LYS A 249 1.46 20.71 -7.31
C LYS A 249 1.47 19.92 -8.61
N ILE A 250 0.90 18.72 -8.59
CA ILE A 250 0.79 17.92 -9.81
C ILE A 250 -0.23 18.54 -10.78
N GLU A 251 -1.40 18.88 -10.25
CA GLU A 251 -2.52 19.35 -11.06
C GLU A 251 -2.35 20.78 -11.56
N SER A 252 -1.84 21.69 -10.74
CA SER A 252 -1.88 23.10 -11.10
C SER A 252 -0.89 23.40 -12.23
N PRO A 253 -1.28 24.28 -13.16
CA PRO A 253 -0.37 24.73 -14.23
C PRO A 253 0.98 25.30 -13.78
N ASP A 254 1.19 25.45 -12.46
CA ASP A 254 2.52 25.81 -11.98
C ASP A 254 3.57 24.79 -12.44
N THR A 255 3.16 23.54 -12.66
CA THR A 255 4.01 22.50 -13.20
C THR A 255 3.41 21.99 -14.49
N SER A 256 4.26 21.45 -15.36
CA SER A 256 3.79 20.41 -16.28
C SER A 256 4.99 19.57 -16.74
N ALA A 257 5.29 18.55 -15.95
CA ALA A 257 5.89 17.29 -16.35
C ALA A 257 5.60 16.32 -15.23
N VAL A 258 5.49 15.04 -15.54
CA VAL A 258 5.28 14.05 -14.49
C VAL A 258 6.14 12.83 -14.76
N ILE A 259 6.76 12.32 -13.70
CA ILE A 259 7.32 10.98 -13.66
C ILE A 259 6.54 10.23 -12.59
N CYS A 260 5.87 9.15 -12.96
CA CYS A 260 5.23 8.28 -12.00
C CYS A 260 6.16 7.13 -11.63
N VAL A 261 6.34 6.89 -10.35
CA VAL A 261 7.21 5.83 -9.86
C VAL A 261 6.31 4.80 -9.21
N LEU A 262 6.33 3.58 -9.73
CA LEU A 262 5.28 2.61 -9.48
C LEU A 262 5.85 1.32 -8.91
N LYS A 263 5.20 0.80 -7.87
CA LYS A 263 5.55 -0.46 -7.21
C LYS A 263 5.36 -1.80 -7.95
N PRO A 264 4.60 -1.91 -9.06
CA PRO A 264 4.10 -3.24 -9.45
C PRO A 264 5.14 -4.34 -9.52
N ALA A 265 6.39 -4.03 -9.83
CA ALA A 265 7.42 -5.05 -9.74
C ALA A 265 7.52 -5.61 -8.33
N ALA A 266 7.62 -4.74 -7.32
CA ALA A 266 7.58 -5.19 -5.94
C ALA A 266 6.18 -5.58 -5.48
N ALA A 267 5.17 -4.73 -5.74
CA ALA A 267 3.84 -4.99 -5.22
C ALA A 267 3.12 -6.12 -5.97
N GLY A 268 3.38 -6.31 -7.25
CA GLY A 268 2.68 -7.27 -8.06
C GLY A 268 1.54 -6.70 -8.87
N ASP A 269 0.99 -5.55 -8.46
CA ASP A 269 -0.10 -4.93 -9.20
C ASP A 269 -0.15 -3.45 -8.87
N MET A 270 -0.87 -2.72 -9.72
CA MET A 270 -1.17 -1.32 -9.46
C MET A 270 -2.05 -1.18 -8.22
N SER A 271 -1.65 -0.30 -7.30
CA SER A 271 -2.43 -0.05 -6.11
C SER A 271 -3.48 1.04 -6.37
N ALA A 272 -4.52 1.04 -5.55
CA ALA A 272 -5.54 2.10 -5.63
C ALA A 272 -4.93 3.48 -5.41
N GLU A 273 -3.89 3.56 -4.58
CA GLU A 273 -3.11 4.78 -4.46
C GLU A 273 -2.60 5.27 -5.81
N GLU A 274 -2.09 4.35 -6.64
CA GLU A 274 -1.51 4.75 -7.92
C GLU A 274 -2.57 4.98 -8.97
N THR A 275 -3.68 4.24 -8.95
CA THR A 275 -4.77 4.53 -9.88
C THR A 275 -5.39 5.89 -9.59
N GLN A 276 -5.49 6.26 -8.31
CA GLN A 276 -5.97 7.61 -7.99
C GLN A 276 -5.06 8.66 -8.62
N LEU A 277 -3.74 8.45 -8.54
CA LEU A 277 -2.79 9.36 -9.16
C LEU A 277 -2.98 9.44 -10.66
N LEU A 278 -3.18 8.29 -11.30
CA LEU A 278 -3.38 8.28 -12.75
C LEU A 278 -4.66 8.99 -13.14
N GLU A 279 -5.72 8.83 -12.36
CA GLU A 279 -6.95 9.58 -12.60
C GLU A 279 -6.74 11.08 -12.46
N ARG A 280 -6.05 11.50 -11.38
CA ARG A 280 -5.80 12.93 -11.19
C ARG A 280 -4.94 13.51 -12.30
N ILE A 281 -3.98 12.73 -12.81
CA ILE A 281 -3.22 13.15 -13.99
C ILE A 281 -4.13 13.27 -15.21
N SER A 282 -4.99 12.27 -15.41
CA SER A 282 -5.91 12.29 -16.55
C SER A 282 -6.83 13.51 -16.51
N LYS A 283 -7.18 13.99 -15.32
CA LYS A 283 -8.06 15.14 -15.21
C LYS A 283 -7.42 16.43 -15.71
N ASN A 284 -6.11 16.59 -15.59
CA ASN A 284 -5.47 17.78 -16.16
C ASN A 284 -5.61 17.77 -17.67
N HIS A 285 -5.93 18.96 -18.21
CA HIS A 285 -6.36 19.09 -19.60
C HIS A 285 -5.29 18.73 -20.63
N GLY A 286 -4.02 18.73 -20.26
CA GLY A 286 -2.99 18.54 -21.26
C GLY A 286 -1.74 17.77 -20.85
N ILE A 287 -1.64 17.43 -19.56
CA ILE A 287 -0.42 16.80 -19.07
C ILE A 287 -0.19 15.43 -19.69
N ARG A 288 -1.27 14.70 -20.02
CA ARG A 288 -1.16 13.26 -20.27
C ARG A 288 -0.13 12.93 -21.35
N ASP A 289 0.07 13.82 -22.33
CA ASP A 289 1.12 13.62 -23.32
C ASP A 289 2.52 13.69 -22.72
N ARG A 290 2.70 14.49 -21.66
CA ARG A 290 4.01 14.70 -21.07
C ARG A 290 4.47 13.52 -20.24
N VAL A 291 3.56 12.71 -19.72
CA VAL A 291 3.79 11.95 -18.49
C VAL A 291 4.51 10.66 -18.81
N PHE A 292 5.45 10.29 -17.95
CA PHE A 292 6.26 9.09 -18.08
C PHE A 292 5.92 8.13 -16.95
N TYR A 293 6.06 6.84 -17.22
CA TYR A 293 5.98 5.82 -16.19
C TYR A 293 7.35 5.20 -15.97
N VAL A 294 7.70 4.99 -14.70
CA VAL A 294 8.95 4.32 -14.34
C VAL A 294 8.62 3.21 -13.34
N PHE A 295 8.96 1.98 -13.70
CA PHE A 295 8.92 0.87 -12.78
C PHE A 295 10.21 0.81 -11.96
N ASN A 296 10.06 0.80 -10.65
CA ASN A 296 11.19 0.85 -9.73
C ASN A 296 11.05 -0.26 -8.70
N ARG A 297 12.18 -0.62 -8.08
CA ARG A 297 12.39 -1.96 -7.50
C ARG A 297 12.22 -3.07 -8.53
N ILE A 298 12.81 -2.89 -9.72
CA ILE A 298 12.75 -3.94 -10.73
C ILE A 298 13.48 -5.19 -10.27
N ASP A 299 14.51 -5.04 -9.44
CA ASP A 299 15.41 -6.15 -9.13
C ASP A 299 14.66 -7.35 -8.57
N ASP A 300 13.61 -7.11 -7.79
CA ASP A 300 12.75 -8.18 -7.31
C ASP A 300 12.17 -9.06 -8.41
N THR A 301 12.05 -8.54 -9.64
CA THR A 301 11.64 -9.41 -10.73
C THR A 301 12.72 -10.38 -11.19
N TRP A 302 14.00 -10.08 -10.95
CA TRP A 302 15.03 -11.07 -11.23
C TRP A 302 14.87 -12.33 -10.39
N TYR A 303 14.33 -12.19 -9.18
CA TYR A 303 14.25 -13.32 -8.26
C TYR A 303 13.02 -14.19 -8.45
N ASN A 304 11.91 -13.62 -8.91
CA ASN A 304 10.64 -14.34 -8.95
C ASN A 304 10.14 -14.39 -10.38
N THR A 305 9.81 -15.61 -10.85
CA THR A 305 9.14 -15.75 -12.13
C THR A 305 7.80 -15.02 -12.14
N GLN A 306 7.05 -15.16 -11.04
CA GLN A 306 5.68 -14.66 -10.98
C GLN A 306 5.62 -13.14 -11.14
N LEU A 307 6.48 -12.41 -10.41
CA LEU A 307 6.50 -10.95 -10.56
C LEU A 307 6.95 -10.52 -11.94
N ARG A 308 7.90 -11.21 -12.55
CA ARG A 308 8.32 -10.88 -13.91
C ARG A 308 7.19 -11.11 -14.91
N GLN A 309 6.45 -12.20 -14.78
CA GLN A 309 5.31 -12.44 -15.64
C GLN A 309 4.20 -11.41 -15.42
N ARG A 310 3.86 -11.14 -14.16
CA ARG A 310 2.87 -10.12 -13.84
C ARG A 310 3.24 -8.79 -14.46
N LEU A 311 4.49 -8.35 -14.26
CA LEU A 311 4.92 -7.06 -14.80
C LEU A 311 4.91 -7.03 -16.32
N GLU A 312 5.33 -8.12 -16.97
CA GLU A 312 5.25 -8.15 -18.43
C GLU A 312 3.80 -8.04 -18.92
N GLY A 313 2.91 -8.83 -18.31
CA GLY A 313 1.49 -8.73 -18.66
C GLY A 313 0.92 -7.35 -18.44
N LEU A 314 1.26 -6.72 -17.32
CA LEU A 314 0.84 -5.34 -17.03
C LEU A 314 1.34 -4.37 -18.09
N ILE A 315 2.63 -4.43 -18.41
CA ILE A 315 3.20 -3.46 -19.35
C ILE A 315 2.59 -3.64 -20.74
N GLN A 316 2.53 -4.88 -21.23
CA GLN A 316 1.96 -5.10 -22.56
C GLN A 316 0.45 -4.83 -22.60
N SER A 317 -0.27 -4.97 -21.49
CA SER A 317 -1.67 -4.57 -21.47
C SER A 317 -1.83 -3.06 -21.46
N GLN A 318 -1.35 -2.39 -20.42
CA GLN A 318 -1.70 -1.00 -20.15
C GLN A 318 -0.74 0.02 -20.73
N PHE A 319 0.49 -0.34 -21.08
CA PHE A 319 1.57 0.62 -21.24
C PHE A 319 2.31 0.40 -22.56
N ARG A 320 1.56 0.52 -23.65
CA ARG A 320 2.10 0.37 -24.99
C ARG A 320 3.09 1.48 -25.35
N ASP A 321 3.17 2.54 -24.54
CA ASP A 321 3.90 3.76 -24.90
C ASP A 321 5.40 3.56 -24.67
N ASN A 322 5.99 2.72 -25.54
CA ASN A 322 7.28 2.12 -25.28
C ASN A 322 8.41 3.16 -25.20
N SER A 323 8.18 4.37 -25.70
CA SER A 323 9.12 5.47 -25.56
C SER A 323 8.93 6.25 -24.27
N ARG A 324 7.95 5.89 -23.44
CA ARG A 324 7.67 6.62 -22.20
C ARG A 324 7.63 5.69 -21.00
N VAL A 325 8.17 4.49 -21.11
CA VAL A 325 8.19 3.51 -20.04
C VAL A 325 9.62 3.03 -19.87
N TYR A 326 10.07 2.95 -18.63
CA TYR A 326 11.42 2.48 -18.33
C TYR A 326 11.40 1.60 -17.10
N LYS A 327 12.23 0.56 -17.11
CA LYS A 327 12.50 -0.25 -15.94
C LYS A 327 13.83 0.15 -15.34
N THR A 328 13.87 0.28 -14.02
CA THR A 328 15.07 0.74 -13.34
C THR A 328 15.12 0.12 -11.95
N SER A 329 16.32 0.10 -11.38
CA SER A 329 16.52 -0.06 -9.94
C SER A 329 17.55 0.96 -9.48
N GLY A 330 17.06 2.11 -9.00
CA GLY A 330 17.96 3.20 -8.61
C GLY A 330 19.01 2.80 -7.61
N LEU A 331 18.66 1.91 -6.68
CA LEU A 331 19.61 1.47 -5.67
C LEU A 331 20.86 0.84 -6.28
N LEU A 332 20.71 0.12 -7.39
CA LEU A 332 21.88 -0.47 -8.03
C LEU A 332 22.59 0.49 -8.97
N GLY A 333 21.86 1.37 -9.65
CA GLY A 333 22.49 2.30 -10.58
C GLY A 333 23.28 3.40 -9.89
N PHE A 334 22.65 4.07 -8.93
CA PHE A 334 23.29 5.19 -8.25
C PHE A 334 24.56 4.76 -7.52
N TYR A 335 24.46 3.71 -6.70
CA TYR A 335 25.67 3.19 -6.08
C TYR A 335 26.64 2.57 -7.08
N GLY A 336 26.15 1.99 -8.18
CA GLY A 336 27.06 1.48 -9.19
C GLY A 336 27.96 2.57 -9.73
N SER A 337 27.37 3.71 -10.07
CA SER A 337 28.17 4.84 -10.53
C SER A 337 29.09 5.35 -9.42
N GLN A 338 28.57 5.43 -8.20
CA GLN A 338 29.42 5.79 -7.05
C GLN A 338 30.56 4.79 -6.84
N VAL A 339 30.25 3.49 -6.88
CA VAL A 339 31.28 2.46 -6.72
C VAL A 339 32.39 2.58 -7.76
N LYS A 340 32.03 2.91 -9.01
CA LYS A 340 33.06 3.13 -10.02
C LYS A 340 34.09 4.19 -9.63
N GLN A 341 33.67 5.19 -8.86
CA GLN A 341 34.63 6.16 -8.34
C GLN A 341 35.57 5.56 -7.30
N THR A 342 35.11 4.56 -6.54
CA THR A 342 35.87 4.07 -5.39
C THR A 342 37.13 3.32 -5.83
N ASN A 343 37.91 2.92 -4.83
CA ASN A 343 39.19 2.25 -5.03
C ASN A 343 39.31 1.10 -4.03
N SER A 344 40.25 0.20 -4.31
CA SER A 344 40.39 -1.00 -3.48
C SER A 344 40.83 -0.66 -2.06
N SER A 345 41.75 0.30 -1.93
CA SER A 345 42.19 0.75 -0.61
C SER A 345 41.04 1.36 0.19
N THR A 346 40.07 1.98 -0.50
CA THR A 346 38.85 2.45 0.14
C THR A 346 38.06 1.30 0.76
N ARG A 347 38.23 0.08 0.23
CA ARG A 347 37.25 -1.00 0.31
C ARG A 347 35.96 -0.64 -0.42
N PHE A 348 36.14 -0.15 -1.65
CA PHE A 348 35.07 0.03 -2.63
C PHE A 348 33.82 0.68 -2.05
N GLY A 349 34.02 1.74 -1.28
CA GLY A 349 32.92 2.51 -0.73
C GLY A 349 32.46 2.13 0.65
N LEU A 350 32.91 1.01 1.21
CA LEU A 350 32.65 0.73 2.61
C LEU A 350 33.26 1.79 3.52
N ASP A 351 34.24 2.55 3.02
CA ASP A 351 34.55 3.89 3.49
C ASP A 351 34.22 4.91 2.41
N SER A 352 33.87 6.13 2.87
CA SER A 352 33.50 7.28 2.04
C SER A 352 32.19 7.12 1.27
N ILE A 353 31.48 5.99 1.41
CA ILE A 353 30.08 5.97 1.00
C ILE A 353 29.20 5.47 2.14
N PHE A 354 29.31 4.19 2.47
CA PHE A 354 28.45 3.58 3.47
C PHE A 354 28.92 3.85 4.90
N ALA A 355 29.88 4.75 5.06
CA ALA A 355 30.58 4.90 6.34
C ALA A 355 29.64 5.18 7.49
N THR A 356 28.52 5.87 7.23
CA THR A 356 27.48 6.00 8.24
C THR A 356 26.72 4.70 8.41
N THR A 357 26.23 4.11 7.32
CA THR A 357 25.37 2.95 7.42
C THR A 357 26.11 1.75 7.99
N ILE A 358 27.40 1.61 7.66
CA ILE A 358 28.18 0.45 8.06
C ILE A 358 28.21 0.32 9.58
N LYS A 359 28.21 1.44 10.30
CA LYS A 359 28.23 1.41 11.76
C LYS A 359 26.85 1.04 12.26
N GLY A 360 26.73 -0.17 12.80
CA GLY A 360 25.44 -0.74 13.13
C GLY A 360 24.80 -0.07 14.34
N PHE A 361 23.72 -0.72 14.81
CA PHE A 361 23.07 -0.30 16.03
C PHE A 361 24.03 -0.37 17.23
N ASP A 362 24.93 -1.34 17.22
CA ASP A 362 26.02 -1.41 18.19
C ASP A 362 27.31 -0.80 17.66
N GLY A 363 27.26 -0.13 16.50
CA GLY A 363 28.42 0.46 15.89
C GLY A 363 29.34 -0.48 15.15
N GLU A 364 29.20 -1.80 15.33
CA GLU A 364 30.00 -2.74 14.57
C GLU A 364 29.58 -2.74 13.10
N GLU A 365 30.38 -3.40 12.28
CA GLU A 365 30.10 -3.47 10.85
C GLU A 365 28.79 -4.22 10.60
N GLU A 366 27.82 -3.54 9.99
CA GLU A 366 26.60 -4.16 9.51
C GLU A 366 26.43 -3.86 8.03
N THR A 367 25.75 -4.77 7.35
CA THR A 367 25.72 -4.76 5.89
C THR A 367 24.84 -3.65 5.33
N PRO A 368 25.38 -2.71 4.56
CA PRO A 368 24.54 -1.78 3.81
C PRO A 368 23.79 -2.51 2.70
N GLN A 369 22.58 -2.04 2.41
CA GLN A 369 21.68 -2.80 1.54
C GLN A 369 22.27 -3.04 0.17
N PHE A 370 23.09 -2.11 -0.33
CA PHE A 370 23.80 -2.32 -1.58
C PHE A 370 24.59 -3.61 -1.59
N VAL A 371 25.25 -3.95 -0.48
CA VAL A 371 26.07 -5.16 -0.49
C VAL A 371 25.21 -6.42 -0.47
N SER A 372 24.13 -6.43 0.31
CA SER A 372 23.28 -7.62 0.32
C SER A 372 22.53 -7.83 -0.99
N GLU A 373 22.21 -6.77 -1.72
CA GLU A 373 21.56 -6.94 -3.02
C GLU A 373 22.49 -6.60 -4.17
N PHE A 374 23.78 -6.70 -3.89
CA PHE A 374 24.83 -6.92 -4.88
C PHE A 374 25.24 -8.39 -4.87
N ASN A 375 25.45 -8.95 -3.68
CA ASN A 375 25.71 -10.38 -3.58
C ASN A 375 24.51 -11.20 -4.07
N ASN A 376 23.29 -10.79 -3.73
CA ASN A 376 22.12 -11.43 -4.34
C ASN A 376 22.01 -11.20 -5.84
N TYR A 377 22.79 -10.28 -6.43
CA TYR A 377 22.84 -10.15 -7.88
C TYR A 377 23.97 -10.94 -8.52
N CYS A 378 25.09 -11.14 -7.83
CA CYS A 378 26.19 -11.90 -8.42
C CYS A 378 25.95 -13.41 -8.29
N ALA A 379 25.74 -13.88 -7.08
CA ALA A 379 25.17 -15.21 -6.90
C ALA A 379 23.71 -15.25 -7.36
N ASN A 380 23.21 -16.47 -7.51
CA ASN A 380 21.78 -16.77 -7.39
C ASN A 380 20.93 -16.21 -8.52
N SER A 381 21.15 -14.94 -8.88
CA SER A 381 20.27 -14.28 -9.85
C SER A 381 21.05 -13.78 -11.06
N GLY A 382 20.42 -12.90 -11.82
CA GLY A 382 21.02 -12.16 -12.91
C GLY A 382 21.55 -13.04 -14.02
N LYS A 383 22.39 -12.43 -14.86
CA LYS A 383 22.72 -12.99 -16.17
C LYS A 383 24.19 -13.35 -16.28
N LEU A 384 24.93 -13.37 -15.17
CA LEU A 384 26.38 -13.58 -15.23
C LEU A 384 26.73 -14.90 -15.90
N LEU A 385 25.77 -15.84 -15.98
CA LEU A 385 25.94 -17.07 -16.74
C LEU A 385 26.54 -16.81 -18.11
N SER A 386 26.18 -15.69 -18.75
CA SER A 386 26.67 -15.40 -20.09
C SER A 386 27.98 -14.61 -20.09
N THR A 387 28.46 -14.16 -18.94
CA THR A 387 29.73 -13.45 -18.91
C THR A 387 30.88 -14.41 -18.60
N ALA A 388 32.10 -13.87 -18.68
CA ALA A 388 33.29 -14.61 -18.28
C ALA A 388 33.49 -14.66 -16.78
N PHE A 389 32.73 -13.88 -16.01
CA PHE A 389 33.05 -13.62 -14.61
C PHE A 389 32.69 -14.83 -13.76
N ARG A 390 33.71 -15.48 -13.21
CA ARG A 390 33.52 -16.62 -12.31
C ARG A 390 33.18 -16.19 -10.89
N VAL A 391 32.22 -15.28 -10.74
CA VAL A 391 31.91 -14.73 -9.42
C VAL A 391 31.30 -15.80 -8.54
N SER A 392 31.69 -15.80 -7.27
CA SER A 392 31.13 -16.72 -6.30
C SER A 392 31.11 -16.07 -4.93
N VAL A 393 30.17 -16.50 -4.09
CA VAL A 393 29.88 -15.88 -2.81
C VAL A 393 29.83 -16.97 -1.75
N ASN A 394 30.55 -16.75 -0.65
CA ASN A 394 30.78 -17.80 0.34
C ASN A 394 30.05 -17.47 1.63
N GLY A 395 29.32 -18.44 2.16
CA GLY A 395 28.58 -18.31 3.40
C GLY A 395 29.38 -18.44 4.68
N TYR A 396 30.67 -18.73 4.59
CA TYR A 396 31.55 -18.75 5.74
C TYR A 396 32.39 -17.48 5.86
N GLU A 397 32.17 -16.51 4.98
CA GLU A 397 32.82 -15.21 5.00
C GLU A 397 31.76 -14.14 5.24
N THR A 398 32.16 -13.04 5.85
CA THR A 398 31.17 -12.00 6.14
C THR A 398 30.60 -11.42 4.85
N SER A 399 29.48 -10.73 5.00
CA SER A 399 28.86 -10.03 3.88
C SER A 399 29.77 -8.96 3.26
N ASN A 400 30.66 -8.36 4.03
CA ASN A 400 31.61 -7.42 3.43
C ASN A 400 32.81 -8.11 2.79
N GLU A 401 33.36 -9.14 3.42
CA GLU A 401 34.44 -9.88 2.79
C GLU A 401 34.03 -10.44 1.43
N ASN A 402 32.80 -10.96 1.34
CA ASN A 402 32.28 -11.43 0.07
C ASN A 402 32.21 -10.33 -0.98
N TYR A 403 32.10 -9.07 -0.56
CA TYR A 403 32.09 -7.94 -1.47
C TYR A 403 33.50 -7.47 -1.81
N VAL A 404 34.34 -7.31 -0.78
CA VAL A 404 35.71 -6.85 -1.00
C VAL A 404 36.48 -7.80 -1.90
N ARG A 405 36.35 -9.11 -1.66
CA ARG A 405 37.00 -10.09 -2.52
C ARG A 405 36.58 -9.93 -3.98
N ILE A 406 35.26 -9.91 -4.24
CA ILE A 406 34.80 -9.81 -5.61
C ILE A 406 35.35 -8.57 -6.29
N LEU A 407 35.15 -7.41 -5.67
CA LEU A 407 35.59 -6.17 -6.31
C LEU A 407 37.11 -6.08 -6.41
N SER A 408 37.84 -6.76 -5.52
CA SER A 408 39.30 -6.80 -5.60
C SER A 408 39.85 -7.57 -6.79
N GLU A 409 39.03 -8.24 -7.59
CA GLU A 409 39.61 -8.96 -8.72
C GLU A 409 38.77 -8.88 -10.00
N TRP A 410 37.45 -8.96 -9.89
CA TRP A 410 36.57 -8.79 -11.04
C TRP A 410 35.98 -7.39 -11.16
N GLY A 411 36.32 -6.48 -10.25
CA GLY A 411 35.44 -5.38 -9.90
C GLY A 411 34.96 -4.45 -11.00
N ILE A 412 35.86 -3.62 -11.53
CA ILE A 412 35.44 -2.54 -12.42
C ILE A 412 34.73 -3.07 -13.65
N PRO A 413 35.11 -4.22 -14.22
CA PRO A 413 34.27 -4.77 -15.31
C PRO A 413 32.87 -5.11 -14.81
N LEU A 414 32.80 -5.78 -13.66
CA LEU A 414 31.55 -6.34 -13.16
C LEU A 414 30.54 -5.25 -12.83
N VAL A 415 31.03 -4.10 -12.33
CA VAL A 415 30.14 -3.00 -11.99
C VAL A 415 29.42 -2.45 -13.22
N ASP A 416 30.06 -2.49 -14.39
CA ASP A 416 29.33 -2.12 -15.62
C ASP A 416 28.27 -3.15 -15.99
N GLN A 417 28.53 -4.44 -15.75
CA GLN A 417 27.50 -5.44 -15.97
C GLN A 417 26.31 -5.23 -15.04
N LEU A 418 26.60 -4.84 -13.80
CA LEU A 418 25.53 -4.49 -12.86
C LEU A 418 24.73 -3.30 -13.34
N ILE A 419 25.41 -2.20 -13.67
CA ILE A 419 24.71 -0.99 -14.10
C ILE A 419 23.85 -1.26 -15.35
N HIS A 420 24.42 -1.94 -16.35
CA HIS A 420 23.65 -2.23 -17.55
C HIS A 420 22.61 -3.32 -17.38
N ASP A 421 22.65 -4.08 -16.29
CA ASP A 421 21.47 -4.88 -15.93
C ASP A 421 20.40 -4.02 -15.29
N SER A 422 20.78 -3.12 -14.37
CA SER A 422 19.82 -2.25 -13.72
C SER A 422 19.16 -1.28 -14.67
N GLY A 423 19.90 -0.77 -15.66
CA GLY A 423 19.28 -0.05 -16.75
C GLY A 423 19.12 1.43 -16.53
N ILE A 424 19.66 1.97 -15.44
CA ILE A 424 19.67 3.42 -15.20
C ILE A 424 20.35 4.18 -16.34
N GLU A 425 21.30 3.55 -17.04
CA GLU A 425 21.88 4.19 -18.21
C GLU A 425 20.92 4.33 -19.38
N SER A 426 19.85 3.53 -19.43
CA SER A 426 18.77 3.81 -20.38
C SER A 426 17.89 4.96 -19.92
N PHE A 427 17.53 4.98 -18.64
CA PHE A 427 16.61 5.97 -18.10
C PHE A 427 17.19 7.38 -18.12
N ARG A 428 18.40 7.54 -17.59
CA ARG A 428 19.07 8.84 -17.62
C ARG A 428 19.32 9.30 -19.05
N SER A 429 19.64 8.39 -19.96
CA SER A 429 19.79 8.75 -21.37
C SER A 429 18.48 9.26 -21.96
N GLY A 430 17.38 8.54 -21.69
CA GLY A 430 16.11 8.93 -22.25
C GLY A 430 15.59 10.27 -21.75
N ILE A 431 15.66 10.50 -20.45
CA ILE A 431 15.31 11.82 -19.93
C ILE A 431 16.29 12.90 -20.41
N GLY A 432 17.58 12.61 -20.44
CA GLY A 432 18.53 13.57 -20.96
C GLY A 432 18.24 14.01 -22.39
N LEU A 433 17.83 13.06 -23.23
CA LEU A 433 17.41 13.39 -24.58
C LEU A 433 16.09 14.17 -24.60
N TYR A 434 15.08 13.71 -23.87
CA TYR A 434 13.77 14.34 -23.91
C TYR A 434 13.79 15.77 -23.39
N LEU A 435 14.48 16.02 -22.27
CA LEU A 435 14.41 17.35 -21.66
C LEU A 435 15.12 18.43 -22.47
N ALA A 436 16.16 18.10 -23.22
CA ALA A 436 16.71 19.07 -24.15
C ALA A 436 16.02 19.08 -25.51
N GLU A 437 16.01 17.95 -26.20
CA GLU A 437 15.68 17.92 -27.61
C GLU A 437 14.18 17.95 -27.89
N GLU A 438 13.43 17.05 -27.26
CA GLU A 438 11.99 16.93 -27.52
C GLU A 438 11.17 18.07 -26.93
N LYS A 439 11.43 18.44 -25.67
CA LYS A 439 10.48 19.28 -24.93
C LYS A 439 10.28 20.67 -25.53
N TYR A 440 11.35 21.34 -25.98
CA TYR A 440 11.19 22.68 -26.52
C TYR A 440 10.39 22.70 -27.82
N PRO A 441 10.73 21.89 -28.84
CA PRO A 441 9.80 21.74 -29.97
C PRO A 441 8.41 21.29 -29.59
N GLU A 442 8.28 20.34 -28.65
CA GLU A 442 6.94 19.84 -28.32
C GLU A 442 6.07 20.94 -27.74
N LEU A 443 6.63 21.81 -26.90
CA LEU A 443 5.87 22.92 -26.35
C LEU A 443 5.48 23.93 -27.43
N PHE A 444 6.37 24.19 -28.39
CA PHE A 444 5.94 25.06 -29.49
C PHE A 444 4.95 24.38 -30.43
N ALA A 445 5.09 23.08 -30.64
CA ALA A 445 4.14 22.37 -31.50
C ALA A 445 2.76 22.32 -30.88
N THR A 446 2.68 22.04 -29.58
CA THR A 446 1.37 22.06 -28.91
C THR A 446 0.77 23.47 -28.89
N LEU A 447 1.60 24.50 -28.69
CA LEU A 447 1.10 25.87 -28.80
C LEU A 447 0.51 26.15 -30.19
N ALA A 448 1.23 25.78 -31.24
CA ALA A 448 0.73 25.96 -32.61
C ALA A 448 -0.53 25.14 -32.85
N ASN A 449 -0.59 23.93 -32.31
CA ASN A 449 -1.75 23.07 -32.50
C ASN A 449 -2.99 23.66 -31.83
N ASP A 450 -2.86 24.14 -30.60
CA ASP A 450 -3.98 24.78 -29.93
C ASP A 450 -4.36 26.13 -30.57
N LEU A 451 -3.39 26.87 -31.10
CA LEU A 451 -3.69 28.05 -31.92
C LEU A 451 -4.44 27.71 -33.20
N GLN A 452 -4.22 26.53 -33.78
CA GLN A 452 -4.80 26.23 -35.09
C GLN A 452 -6.33 26.25 -35.14
N PRO A 453 -7.07 25.59 -34.24
CA PRO A 453 -8.52 25.86 -34.19
C PRO A 453 -8.87 27.31 -33.93
N LEU A 454 -8.12 27.99 -33.06
CA LEU A 454 -8.42 29.39 -32.78
C LEU A 454 -8.29 30.25 -34.03
N CYS A 455 -7.20 30.05 -34.78
CA CYS A 455 -6.97 30.82 -36.00
C CYS A 455 -7.94 30.45 -37.10
N ILE A 456 -8.32 29.18 -37.20
CA ILE A 456 -9.34 28.76 -38.16
C ILE A 456 -10.68 29.40 -37.83
N ALA A 457 -11.07 29.38 -36.56
CA ALA A 457 -12.31 30.01 -36.13
C ALA A 457 -12.33 31.51 -36.46
N LEU A 458 -11.24 32.22 -36.15
CA LEU A 458 -11.17 33.64 -36.50
C LEU A 458 -11.23 33.87 -38.00
N ARG A 459 -10.48 33.09 -38.77
CA ARG A 459 -10.47 33.24 -40.23
C ARG A 459 -11.85 32.97 -40.83
N GLN A 460 -12.51 31.90 -40.38
CA GLN A 460 -13.87 31.61 -40.81
C GLN A 460 -14.83 32.74 -40.46
N PHE A 461 -14.81 33.21 -39.21
CA PHE A 461 -15.72 34.29 -38.82
C PHE A 461 -15.52 35.52 -39.68
N TYR A 462 -14.27 35.96 -39.85
CA TYR A 462 -14.00 37.16 -40.63
C TYR A 462 -14.40 36.99 -42.10
N LEU A 463 -13.95 35.90 -42.73
CA LEU A 463 -14.25 35.69 -44.14
C LEU A 463 -15.73 35.47 -44.41
N GLU A 464 -16.44 34.79 -43.50
CA GLU A 464 -17.88 34.63 -43.68
C GLU A 464 -18.64 35.93 -43.47
N ASN A 465 -18.19 36.78 -42.55
CA ASN A 465 -18.79 38.11 -42.45
C ASN A 465 -18.59 38.93 -43.71
N TYR A 466 -17.35 39.00 -44.19
CA TYR A 466 -17.07 39.86 -45.35
C TYR A 466 -17.58 39.28 -46.67
N ARG A 467 -17.66 37.97 -46.82
CA ARG A 467 -18.40 37.41 -47.95
C ARG A 467 -19.90 37.68 -47.84
N GLN A 468 -20.46 37.69 -46.63
CA GLN A 468 -21.86 38.08 -46.48
C GLN A 468 -22.08 39.53 -46.89
N LEU A 469 -21.25 40.43 -46.38
CA LEU A 469 -21.35 41.85 -46.76
C LEU A 469 -21.14 42.07 -48.25
N ASP A 470 -20.09 41.46 -48.82
CA ASP A 470 -19.87 41.56 -50.26
C ASP A 470 -21.00 40.96 -51.08
N SER A 471 -21.69 39.94 -50.56
CA SER A 471 -22.79 39.36 -51.30
C SER A 471 -24.03 40.24 -51.24
N GLN A 472 -24.28 40.86 -50.10
CA GLN A 472 -25.23 41.96 -50.03
C GLN A 472 -24.64 43.20 -50.69
N PRO A 473 -25.37 44.32 -50.74
CA PRO A 473 -24.72 45.63 -50.80
C PRO A 473 -23.68 45.81 -49.69
N LYS A 483 -20.03 59.07 -46.00
CA LYS A 483 -20.53 57.84 -45.38
C LYS A 483 -19.64 56.64 -45.71
N ILE A 484 -19.16 56.57 -46.96
CA ILE A 484 -18.19 55.55 -47.36
C ILE A 484 -16.87 55.74 -46.62
N ALA A 485 -16.43 56.98 -46.40
CA ALA A 485 -15.23 57.18 -45.60
C ALA A 485 -15.38 56.67 -44.17
N ARG A 486 -16.56 56.80 -43.59
CA ARG A 486 -16.79 56.23 -42.25
C ARG A 486 -16.83 54.70 -42.29
N ASN A 487 -17.62 54.15 -43.21
CA ASN A 487 -17.73 52.69 -43.34
C ASN A 487 -16.37 52.08 -43.63
N SER A 488 -15.63 52.67 -44.57
CA SER A 488 -14.29 52.23 -44.89
C SER A 488 -13.30 52.45 -43.75
N ARG A 489 -13.48 53.49 -42.92
CA ARG A 489 -12.63 53.60 -41.75
C ARG A 489 -12.82 52.42 -40.81
N LEU A 490 -14.06 51.99 -40.63
CA LEU A 490 -14.32 50.80 -39.82
C LEU A 490 -13.78 49.53 -40.50
N GLN A 491 -14.11 49.35 -41.77
CA GLN A 491 -13.72 48.14 -42.49
C GLN A 491 -12.21 48.04 -42.64
N SER A 492 -11.54 49.15 -42.98
CA SER A 492 -10.10 49.17 -43.08
C SER A 492 -9.40 49.07 -41.73
N GLU A 493 -9.99 49.57 -40.65
CA GLU A 493 -9.39 49.33 -39.34
C GLU A 493 -9.41 47.85 -38.97
N ILE A 494 -10.56 47.19 -39.14
CA ILE A 494 -10.61 45.74 -38.89
C ILE A 494 -9.78 44.96 -39.92
N LYS A 495 -9.73 45.42 -41.16
CA LYS A 495 -8.83 44.84 -42.16
C LYS A 495 -7.37 44.99 -41.79
N GLN A 496 -6.99 46.12 -41.19
CA GLN A 496 -5.63 46.29 -40.71
C GLN A 496 -5.36 45.40 -39.49
N LYS A 497 -6.38 45.16 -38.67
CA LYS A 497 -6.27 44.12 -37.65
C LYS A 497 -6.04 42.75 -38.25
N ILE A 498 -6.71 42.45 -39.37
CA ILE A 498 -6.45 41.23 -40.13
C ILE A 498 -5.05 41.21 -40.75
N ASP A 499 -4.55 42.36 -41.20
CA ASP A 499 -3.17 42.46 -41.65
C ASP A 499 -2.18 42.23 -40.52
N LEU A 500 -2.51 42.69 -39.32
CA LEU A 500 -1.71 42.40 -38.14
C LEU A 500 -1.76 40.92 -37.80
N TYR A 501 -2.94 40.32 -37.89
CA TYR A 501 -3.08 38.87 -37.77
C TYR A 501 -2.18 38.13 -38.76
N GLN A 502 -2.19 38.54 -40.02
CA GLN A 502 -1.28 37.98 -41.02
C GLN A 502 0.18 38.17 -40.63
N THR A 503 0.54 39.35 -40.14
CA THR A 503 1.92 39.61 -39.73
C THR A 503 2.34 38.70 -38.57
N SER A 504 1.47 38.60 -37.56
CA SER A 504 1.74 37.73 -36.42
C SER A 504 1.86 36.27 -36.85
N ILE A 505 0.97 35.81 -37.73
CA ILE A 505 1.02 34.41 -38.16
C ILE A 505 2.25 34.14 -39.02
N VAL A 506 2.68 35.12 -39.83
CA VAL A 506 3.97 35.02 -40.53
C VAL A 506 5.13 34.91 -39.54
N SER A 507 5.12 35.75 -38.50
CA SER A 507 6.16 35.67 -37.47
C SER A 507 6.16 34.33 -36.75
N ILE A 508 4.99 33.83 -36.40
CA ILE A 508 4.87 32.51 -35.76
C ILE A 508 5.38 31.41 -36.68
N ASN A 509 4.97 31.44 -37.95
CA ASN A 509 5.43 30.43 -38.90
C ASN A 509 6.93 30.50 -39.13
N GLU A 510 7.51 31.70 -39.11
CA GLU A 510 8.97 31.83 -39.16
C GLU A 510 9.64 31.27 -37.91
N CYS A 511 9.05 31.49 -36.74
CA CYS A 511 9.57 30.87 -35.51
C CYS A 511 9.52 29.35 -35.60
N LEU A 512 8.38 28.80 -36.01
CA LEU A 512 8.25 27.36 -36.18
C LEU A 512 9.22 26.80 -37.21
N LYS A 513 9.39 27.50 -38.34
CA LYS A 513 10.37 27.09 -39.35
C LYS A 513 11.78 27.06 -38.78
N ALA A 514 12.16 28.12 -38.05
CA ALA A 514 13.47 28.11 -37.39
C ALA A 514 13.56 26.97 -36.38
N MET A 515 12.45 26.61 -35.76
CA MET A 515 12.39 25.45 -34.86
C MET A 515 12.15 24.15 -35.60
N GLN A 516 12.07 24.18 -36.92
CA GLN A 516 11.76 23.01 -37.75
C GLN A 516 10.41 22.39 -37.37
N ILE A 517 9.41 23.24 -37.16
CA ILE A 517 8.04 22.83 -36.91
C ILE A 517 7.21 23.22 -38.13
N PHE A 518 6.51 22.25 -38.70
CA PHE A 518 5.91 22.37 -40.02
C PHE A 518 4.39 22.35 -40.03
N GLU A 519 3.75 22.15 -38.87
CA GLU A 519 2.29 22.23 -38.79
C GLU A 519 1.81 23.67 -38.72
N GLN A 520 2.26 24.49 -39.67
CA GLN A 520 2.16 25.94 -39.56
C GLN A 520 0.73 26.40 -39.83
N LEU A 521 0.44 27.64 -39.42
CA LEU A 521 -0.87 28.26 -39.36
C LEU A 521 -1.22 28.94 -40.69
N PRO A 522 -2.50 29.08 -41.01
CA PRO A 522 -2.89 29.49 -42.35
C PRO A 522 -2.69 30.99 -42.58
N SER B 2 -12.58 -27.40 24.08
CA SER B 2 -12.48 -28.65 24.84
C SER B 2 -13.87 -29.13 25.26
N LYS B 3 -13.95 -30.41 25.62
CA LYS B 3 -15.23 -31.01 25.95
C LYS B 3 -15.79 -30.43 27.24
N ILE B 4 -17.11 -30.49 27.36
CA ILE B 4 -17.85 -29.68 28.32
C ILE B 4 -18.26 -30.57 29.50
N ALA B 5 -17.88 -30.16 30.71
CA ALA B 5 -18.29 -30.87 31.90
C ALA B 5 -19.79 -30.68 32.14
N PRO B 6 -20.43 -31.63 32.84
CA PRO B 6 -21.90 -31.65 32.85
C PRO B 6 -22.52 -30.45 33.54
N GLN B 7 -21.86 -29.91 34.56
CA GLN B 7 -22.30 -28.64 35.14
C GLN B 7 -22.18 -27.51 34.11
N CYS B 8 -21.04 -27.46 33.41
CA CYS B 8 -20.87 -26.46 32.35
C CYS B 8 -21.88 -26.67 31.23
N GLN B 9 -22.28 -27.92 30.99
CA GLN B 9 -23.33 -28.24 30.04
C GLN B 9 -24.68 -27.69 30.48
N ASN B 10 -25.01 -27.81 31.78
CA ASN B 10 -26.24 -27.24 32.30
C ASN B 10 -26.19 -25.74 32.45
N LEU B 11 -24.99 -25.15 32.49
CA LEU B 11 -24.82 -23.73 32.77
C LEU B 11 -25.62 -22.84 31.84
N ARG B 12 -25.83 -23.27 30.59
CA ARG B 12 -26.59 -22.45 29.64
C ARG B 12 -27.98 -22.12 30.17
N GLU B 13 -28.70 -23.14 30.64
CA GLU B 13 -29.99 -22.92 31.28
C GLU B 13 -29.84 -21.97 32.46
N GLN B 14 -28.86 -22.22 33.33
CA GLN B 14 -28.73 -21.43 34.54
C GLN B 14 -28.49 -19.96 34.24
N VAL B 15 -27.64 -19.67 33.25
CA VAL B 15 -27.36 -18.29 32.86
C VAL B 15 -28.56 -17.63 32.17
N ASN B 16 -29.25 -18.36 31.29
CA ASN B 16 -30.48 -17.80 30.72
C ASN B 16 -31.52 -17.51 31.81
N GLN B 17 -31.67 -18.43 32.76
CA GLN B 17 -32.63 -18.27 33.84
C GLN B 17 -32.29 -17.07 34.71
N LEU B 18 -31.01 -16.94 35.10
CA LEU B 18 -30.54 -15.76 35.82
C LEU B 18 -30.81 -14.47 35.06
N ILE B 19 -30.54 -14.46 33.75
CA ILE B 19 -30.82 -13.27 32.95
C ILE B 19 -32.31 -12.95 32.95
N GLU B 20 -33.16 -13.98 32.93
CA GLU B 20 -34.59 -13.74 33.09
C GLU B 20 -34.94 -13.17 34.46
N LEU B 21 -34.30 -13.66 35.51
CA LEU B 21 -34.51 -13.11 36.84
C LEU B 21 -34.11 -11.64 36.93
N LEU B 22 -33.08 -11.25 36.18
CA LEU B 22 -32.72 -9.84 36.11
C LEU B 22 -33.74 -9.05 35.30
N ARG B 23 -34.08 -9.55 34.11
CA ARG B 23 -35.00 -8.86 33.21
C ARG B 23 -36.33 -8.55 33.88
N GLN B 24 -36.74 -9.38 34.84
CA GLN B 24 -37.98 -9.14 35.58
C GLN B 24 -38.03 -7.74 36.20
N GLU B 25 -36.89 -7.17 36.58
CA GLU B 25 -36.93 -5.87 37.23
C GLU B 25 -36.45 -4.78 36.27
N PRO B 26 -37.31 -3.81 35.95
CA PRO B 26 -36.91 -2.72 35.04
C PRO B 26 -35.69 -1.93 35.47
N THR B 27 -35.46 -1.79 36.79
CA THR B 27 -34.29 -1.09 37.28
C THR B 27 -32.99 -1.76 36.81
N LEU B 28 -32.88 -3.07 36.98
CA LEU B 28 -31.69 -3.76 36.51
C LEU B 28 -31.65 -3.84 34.99
N ARG B 29 -32.80 -4.07 34.35
CA ARG B 29 -32.85 -4.13 32.89
C ARG B 29 -32.32 -2.85 32.25
N SER B 30 -32.71 -1.69 32.79
CA SER B 30 -32.15 -0.43 32.34
C SER B 30 -30.72 -0.22 32.81
N GLN B 31 -30.37 -0.72 34.00
CA GLN B 31 -29.03 -0.51 34.53
C GLN B 31 -27.99 -1.34 33.79
N GLN B 32 -28.32 -2.57 33.39
CA GLN B 32 -27.33 -3.51 32.91
C GLN B 32 -27.61 -3.95 31.49
N ASP B 33 -26.53 -4.17 30.73
CA ASP B 33 -26.59 -4.63 29.34
C ASP B 33 -26.46 -6.15 29.31
N THR B 34 -27.58 -6.82 29.58
CA THR B 34 -27.60 -8.28 29.57
C THR B 34 -27.13 -8.87 28.25
N SER B 35 -27.34 -8.15 27.14
CA SER B 35 -26.91 -8.64 25.82
C SER B 35 -25.43 -8.98 25.79
N ILE B 36 -24.61 -8.27 26.57
CA ILE B 36 -23.19 -8.56 26.64
C ILE B 36 -22.95 -9.94 27.25
N VAL B 37 -23.59 -10.22 28.37
CA VAL B 37 -23.49 -11.54 28.99
C VAL B 37 -24.06 -12.62 28.08
N GLU B 38 -25.19 -12.35 27.42
CA GLU B 38 -25.77 -13.33 26.50
C GLU B 38 -24.84 -13.65 25.34
N THR B 39 -24.13 -12.64 24.82
CA THR B 39 -23.10 -12.89 23.81
C THR B 39 -21.93 -13.68 24.37
N ALA B 40 -21.48 -13.34 25.58
CA ALA B 40 -20.38 -14.11 26.16
C ALA B 40 -20.78 -15.57 26.38
N LEU B 41 -22.03 -15.81 26.79
CA LEU B 41 -22.55 -17.17 26.85
C LEU B 41 -22.56 -17.83 25.48
N GLY B 42 -23.00 -17.10 24.45
CA GLY B 42 -22.98 -17.63 23.10
C GLY B 42 -21.61 -18.08 22.65
N LYS B 43 -20.58 -17.31 23.01
CA LYS B 43 -19.20 -17.76 22.78
C LYS B 43 -18.86 -18.98 23.63
N ALA B 44 -19.22 -18.95 24.92
CA ALA B 44 -18.90 -20.06 25.81
C ALA B 44 -19.50 -21.37 25.33
N LEU B 45 -20.64 -21.32 24.66
CA LEU B 45 -21.23 -22.52 24.09
C LEU B 45 -20.39 -23.08 22.96
N SER B 46 -19.62 -22.22 22.29
CA SER B 46 -18.56 -22.57 21.35
C SER B 46 -18.92 -23.69 20.37
N PRO B 47 -20.02 -23.57 19.61
CA PRO B 47 -20.18 -24.46 18.45
C PRO B 47 -19.14 -24.22 17.39
N ARG B 48 -18.56 -23.01 17.36
CA ARG B 48 -17.42 -22.69 16.53
C ARG B 48 -16.50 -21.78 17.32
N PHE B 49 -15.25 -21.67 16.87
CA PHE B 49 -14.38 -20.58 17.25
C PHE B 49 -13.60 -20.18 16.00
N GLU B 50 -14.09 -19.14 15.32
CA GLU B 50 -13.60 -18.77 14.00
C GLU B 50 -12.44 -17.80 14.12
N ILE B 51 -11.30 -18.18 13.54
CA ILE B 51 -10.08 -17.39 13.58
C ILE B 51 -9.94 -16.71 12.23
N VAL B 52 -9.82 -15.38 12.24
CA VAL B 52 -9.85 -14.61 11.01
C VAL B 52 -8.44 -14.08 10.73
N PHE B 53 -7.92 -14.40 9.57
CA PHE B 53 -6.58 -13.97 9.14
C PHE B 53 -6.63 -12.67 8.34
N ALA B 54 -7.30 -11.65 8.87
CA ALA B 54 -7.41 -10.39 8.18
C ALA B 54 -6.05 -9.70 8.15
N GLY B 55 -5.64 -9.26 6.97
CA GLY B 55 -4.35 -8.59 6.85
C GLY B 55 -4.15 -8.08 5.45
N ALA B 56 -3.08 -7.28 5.31
CA ALA B 56 -2.91 -6.42 4.16
C ALA B 56 -2.82 -7.22 2.85
N PHE B 57 -3.05 -6.50 1.75
CA PHE B 57 -2.89 -7.03 0.41
C PHE B 57 -1.49 -7.58 0.16
N SER B 58 -1.42 -8.81 -0.36
CA SER B 58 -0.16 -9.52 -0.57
C SER B 58 0.72 -9.59 0.67
N ALA B 59 0.13 -9.59 1.86
CA ALA B 59 0.93 -9.81 3.06
C ALA B 59 1.18 -11.28 3.37
N GLY B 60 0.70 -12.20 2.54
CA GLY B 60 1.06 -13.60 2.68
C GLY B 60 0.21 -14.39 3.66
N LYS B 61 -1.01 -13.94 3.95
CA LYS B 61 -1.82 -14.59 4.97
C LYS B 61 -2.32 -15.96 4.52
N SER B 62 -2.66 -16.11 3.23
CA SER B 62 -3.02 -17.43 2.73
C SER B 62 -1.82 -18.37 2.75
N MET B 63 -0.63 -17.88 2.41
CA MET B 63 0.57 -18.68 2.58
C MET B 63 0.71 -19.11 4.04
N LEU B 64 0.54 -18.16 4.96
CA LEU B 64 0.74 -18.44 6.37
C LEU B 64 -0.22 -19.51 6.88
N ILE B 65 -1.44 -19.58 6.31
CA ILE B 65 -2.33 -20.66 6.71
C ILE B 65 -1.85 -22.02 6.22
N ASN B 66 -1.24 -22.07 5.03
CA ASN B 66 -0.55 -23.28 4.60
C ASN B 66 0.60 -23.62 5.54
N ALA B 67 1.27 -22.61 6.06
CA ALA B 67 2.34 -22.84 7.03
C ALA B 67 1.80 -23.44 8.33
N LEU B 68 0.66 -22.95 8.81
CA LEU B 68 0.04 -23.52 10.00
C LEU B 68 -0.45 -24.94 9.75
N LEU B 69 -0.90 -25.25 8.55
CA LEU B 69 -1.37 -26.58 8.24
C LEU B 69 -0.26 -27.52 7.77
N GLU B 70 0.91 -26.97 7.44
CA GLU B 70 2.02 -27.74 6.88
C GLU B 70 1.56 -28.55 5.66
N ARG B 71 0.69 -27.92 4.88
CA ARG B 71 0.08 -28.57 3.72
C ARG B 71 -0.28 -27.48 2.73
N GLU B 72 -0.30 -27.81 1.44
CA GLU B 72 -0.89 -26.90 0.48
C GLU B 72 -2.41 -27.09 0.49
N LEU B 73 -3.14 -25.99 0.73
CA LEU B 73 -4.58 -25.99 0.48
C LEU B 73 -4.97 -24.73 -0.28
N LEU B 74 -4.63 -23.58 0.28
CA LEU B 74 -5.05 -22.31 -0.27
C LEU B 74 -4.16 -21.89 -1.43
N TYR B 75 -4.78 -21.42 -2.51
CA TYR B 75 -4.03 -20.88 -3.63
C TYR B 75 -3.37 -19.57 -3.22
N SER B 76 -2.21 -19.29 -3.82
CA SER B 76 -1.38 -18.18 -3.38
C SER B 76 -0.46 -17.76 -4.52
N ALA B 77 -0.48 -16.48 -4.84
CA ALA B 77 0.36 -15.92 -5.88
C ALA B 77 0.52 -14.43 -5.62
N GLU B 78 1.53 -13.84 -6.24
CA GLU B 78 1.70 -12.39 -6.17
C GLU B 78 0.57 -11.68 -6.89
N GLY B 79 0.28 -10.47 -6.44
CA GLY B 79 -0.97 -9.82 -6.76
C GLY B 79 -2.10 -10.43 -5.94
N HIS B 80 -3.32 -10.03 -6.29
CA HIS B 80 -4.50 -10.63 -5.69
C HIS B 80 -4.60 -12.10 -6.10
N ALA B 81 -4.75 -12.98 -5.11
CA ALA B 81 -5.03 -14.38 -5.40
C ALA B 81 -6.01 -14.98 -4.40
N THR B 82 -6.76 -14.14 -3.69
CA THR B 82 -7.55 -14.54 -2.53
C THR B 82 -8.86 -13.77 -2.54
N GLY B 83 -9.42 -13.55 -3.73
CA GLY B 83 -10.56 -12.68 -3.90
C GLY B 83 -11.88 -13.16 -3.32
N THR B 84 -11.84 -14.06 -2.35
CA THR B 84 -13.08 -14.58 -1.79
C THR B 84 -12.85 -15.12 -0.38
N GLU B 85 -13.87 -14.95 0.45
CA GLU B 85 -13.88 -15.54 1.78
C GLU B 85 -13.77 -17.05 1.70
N CYS B 86 -13.03 -17.63 2.65
CA CYS B 86 -12.74 -19.06 2.61
C CYS B 86 -12.64 -19.59 4.04
N HIS B 87 -13.07 -20.83 4.22
CA HIS B 87 -13.14 -21.47 5.51
C HIS B 87 -12.41 -22.80 5.45
N ILE B 88 -11.81 -23.18 6.58
CA ILE B 88 -11.26 -24.52 6.74
C ILE B 88 -11.78 -25.10 8.06
N GLU B 89 -12.23 -26.35 7.99
CA GLU B 89 -12.93 -26.99 9.10
C GLU B 89 -12.41 -28.42 9.23
N TYR B 90 -12.54 -28.98 10.43
CA TYR B 90 -12.07 -30.34 10.65
C TYR B 90 -13.02 -31.35 10.01
N ALA B 91 -12.45 -32.37 9.38
CA ALA B 91 -13.16 -33.60 9.08
C ALA B 91 -12.16 -34.74 8.97
N ASN B 92 -12.66 -35.96 9.10
CA ASN B 92 -11.82 -37.15 9.09
C ASN B 92 -11.38 -37.50 7.66
N ALA B 93 -10.49 -38.48 7.58
CA ALA B 93 -9.82 -38.83 6.32
C ALA B 93 -10.81 -39.10 5.19
N ASN B 94 -11.87 -39.85 5.48
CA ASN B 94 -12.87 -40.15 4.46
C ASN B 94 -13.79 -38.97 4.15
N GLU B 95 -13.76 -37.92 4.98
CA GLU B 95 -14.70 -36.83 4.89
C GLU B 95 -14.14 -35.59 4.20
N GLU B 96 -12.84 -35.58 3.91
CA GLU B 96 -12.21 -34.40 3.31
C GLU B 96 -12.86 -34.06 1.98
N ARG B 97 -13.28 -32.80 1.85
CA ARG B 97 -14.04 -32.37 0.69
C ARG B 97 -13.96 -30.85 0.57
N VAL B 98 -14.34 -30.35 -0.60
CA VAL B 98 -14.56 -28.95 -0.84
C VAL B 98 -16.05 -28.72 -0.98
N VAL B 99 -16.56 -27.71 -0.28
CA VAL B 99 -17.97 -27.33 -0.38
C VAL B 99 -18.05 -25.87 -0.76
N LEU B 100 -18.63 -25.60 -1.94
CA LEU B 100 -18.85 -24.26 -2.44
C LEU B 100 -20.16 -23.69 -1.90
N THR B 101 -20.36 -22.40 -2.10
CA THR B 101 -21.63 -21.75 -1.77
C THR B 101 -21.83 -20.58 -2.72
N PHE B 102 -22.86 -20.66 -3.55
CA PHE B 102 -23.06 -19.72 -4.64
C PHE B 102 -23.95 -18.57 -4.20
N LEU B 103 -23.68 -17.38 -4.73
CA LEU B 103 -24.65 -16.31 -4.72
C LEU B 103 -25.87 -16.66 -5.57
N SER B 104 -27.02 -16.13 -5.19
CA SER B 104 -28.24 -16.30 -5.97
C SER B 104 -28.28 -15.31 -7.13
N GLU B 105 -29.16 -15.62 -8.08
CA GLU B 105 -29.57 -14.64 -9.10
C GLU B 105 -29.97 -13.31 -8.48
N ALA B 106 -30.73 -13.33 -7.39
CA ALA B 106 -31.16 -12.09 -6.74
C ALA B 106 -29.97 -11.23 -6.33
N GLU B 107 -28.98 -11.84 -5.67
CA GLU B 107 -27.77 -11.11 -5.27
C GLU B 107 -26.96 -10.66 -6.48
N ILE B 108 -26.77 -11.53 -7.46
CA ILE B 108 -25.96 -11.17 -8.63
C ILE B 108 -26.62 -10.02 -9.40
N ARG B 109 -27.94 -10.09 -9.57
CA ARG B 109 -28.68 -9.01 -10.23
C ARG B 109 -28.58 -7.71 -9.45
N GLN B 110 -28.77 -7.77 -8.13
CA GLN B 110 -28.64 -6.57 -7.31
C GLN B 110 -27.25 -5.93 -7.46
N GLN B 111 -26.20 -6.75 -7.38
CA GLN B 111 -24.84 -6.25 -7.56
C GLN B 111 -24.64 -5.64 -8.95
N ALA B 112 -25.09 -6.34 -9.99
CA ALA B 112 -24.96 -5.83 -11.34
C ALA B 112 -25.72 -4.52 -11.54
N LEU B 113 -26.89 -4.41 -10.93
CA LEU B 113 -27.66 -3.16 -11.02
C LEU B 113 -26.93 -2.02 -10.32
N ILE B 114 -26.34 -2.28 -9.15
CA ILE B 114 -25.58 -1.25 -8.45
C ILE B 114 -24.38 -0.80 -9.29
N LEU B 115 -23.65 -1.77 -9.84
CA LEU B 115 -22.53 -1.44 -10.71
C LEU B 115 -22.98 -0.62 -11.93
N ALA B 116 -24.01 -1.10 -12.63
CA ALA B 116 -24.51 -0.39 -13.81
C ALA B 116 -24.93 1.04 -13.46
N LYS B 117 -25.61 1.21 -12.32
CA LYS B 117 -25.99 2.54 -11.86
C LYS B 117 -24.76 3.43 -11.65
N TYR B 118 -23.75 2.93 -10.96
CA TYR B 118 -22.53 3.72 -10.78
C TYR B 118 -21.89 4.05 -12.13
N LEU B 119 -21.80 3.06 -13.01
CA LEU B 119 -21.22 3.22 -14.34
C LEU B 119 -22.05 4.11 -15.25
N ASN B 120 -23.27 4.46 -14.85
CA ASN B 120 -24.25 5.12 -15.72
C ASN B 120 -24.54 4.28 -16.97
N VAL B 121 -24.45 2.97 -16.84
CA VAL B 121 -24.86 2.04 -17.89
C VAL B 121 -26.39 2.14 -18.03
N ASN B 122 -26.84 2.78 -19.11
CA ASN B 122 -28.27 3.02 -19.33
C ASN B 122 -28.94 1.77 -19.90
N VAL B 123 -29.20 0.81 -19.01
CA VAL B 123 -29.88 -0.43 -19.36
C VAL B 123 -31.00 -0.66 -18.37
N GLY B 124 -32.09 -1.25 -18.84
CA GLY B 124 -33.21 -1.58 -17.99
C GLY B 124 -32.98 -2.75 -17.06
N ASP B 125 -34.00 -3.56 -16.83
CA ASP B 125 -33.84 -4.77 -16.04
C ASP B 125 -32.75 -5.66 -16.61
N LEU B 126 -31.77 -5.98 -15.77
CA LEU B 126 -30.65 -6.85 -16.14
C LEU B 126 -31.09 -8.30 -16.11
N ASN B 127 -31.95 -8.65 -17.08
CA ASN B 127 -32.40 -10.03 -17.23
C ASN B 127 -31.28 -10.86 -17.82
N ILE B 128 -30.27 -11.17 -17.00
CA ILE B 128 -29.11 -11.95 -17.40
C ILE B 128 -29.48 -13.38 -17.76
N ASN B 129 -30.76 -13.73 -17.57
CA ASN B 129 -31.29 -14.97 -18.15
C ASN B 129 -31.27 -14.97 -19.66
N GLN B 130 -31.17 -13.79 -20.30
CA GLN B 130 -30.88 -13.72 -21.73
C GLN B 130 -29.38 -13.63 -21.95
N PRO B 131 -28.74 -14.66 -22.50
CA PRO B 131 -27.37 -14.50 -23.00
C PRO B 131 -27.18 -13.32 -23.96
N GLU B 132 -28.23 -12.95 -24.69
CA GLU B 132 -28.20 -11.74 -25.49
C GLU B 132 -28.00 -10.50 -24.63
N ALA B 133 -28.76 -10.38 -23.53
CA ALA B 133 -28.56 -9.27 -22.61
C ALA B 133 -27.20 -9.31 -21.95
N VAL B 134 -26.74 -10.49 -21.54
CA VAL B 134 -25.40 -10.64 -20.98
C VAL B 134 -24.35 -10.13 -21.97
N LYS B 135 -24.49 -10.52 -23.24
CA LYS B 135 -23.60 -10.04 -24.29
C LYS B 135 -23.64 -8.52 -24.43
N VAL B 136 -24.83 -7.94 -24.46
CA VAL B 136 -24.97 -6.49 -24.58
C VAL B 136 -24.28 -5.77 -23.42
N VAL B 137 -24.54 -6.23 -22.19
CA VAL B 137 -23.97 -5.55 -21.02
C VAL B 137 -22.46 -5.74 -20.95
N SER B 138 -21.95 -6.93 -21.28
CA SER B 138 -20.51 -7.14 -21.32
C SER B 138 -19.84 -6.36 -22.44
N GLN B 139 -20.51 -6.16 -23.57
CA GLN B 139 -20.01 -5.26 -24.61
C GLN B 139 -19.97 -3.81 -24.14
N TYR B 140 -21.00 -3.36 -23.41
CA TYR B 140 -20.93 -2.07 -22.75
C TYR B 140 -19.74 -1.97 -21.80
N CYS B 141 -19.53 -3.01 -20.99
CA CYS B 141 -18.41 -3.00 -20.05
C CYS B 141 -17.07 -2.91 -20.78
N GLN B 142 -16.89 -3.72 -21.82
CA GLN B 142 -15.65 -3.69 -22.60
C GLN B 142 -15.43 -2.34 -23.28
N LYS B 143 -16.49 -1.76 -23.85
CA LYS B 143 -16.40 -0.43 -24.45
C LYS B 143 -16.01 0.62 -23.41
N ILE B 144 -16.62 0.58 -22.23
CA ILE B 144 -16.24 1.48 -21.15
C ILE B 144 -14.77 1.29 -20.78
N ILE B 145 -14.34 0.04 -20.60
CA ILE B 145 -12.95 -0.23 -20.22
C ILE B 145 -11.98 0.30 -21.28
N ALA B 146 -12.32 0.14 -22.55
CA ALA B 146 -11.51 0.71 -23.62
C ALA B 146 -11.48 2.24 -23.60
N GLU B 147 -12.63 2.87 -23.36
CA GLU B 147 -12.67 4.33 -23.32
C GLU B 147 -11.93 4.89 -22.11
N GLU B 148 -12.01 4.21 -20.96
CA GLU B 148 -11.15 4.55 -19.83
C GLU B 148 -9.68 4.29 -20.14
N GLY B 149 -9.39 3.36 -21.04
CA GLY B 149 -8.05 3.19 -21.55
C GLY B 149 -7.23 2.11 -20.87
N GLY B 150 -7.86 1.21 -20.15
CA GLY B 150 -7.17 0.10 -19.51
C GLY B 150 -7.69 -0.25 -18.12
N GLU B 151 -7.51 -1.51 -17.74
CA GLU B 151 -8.20 -2.10 -16.59
C GLU B 151 -7.90 -1.40 -15.27
N ASN B 152 -6.79 -0.68 -15.15
CA ASN B 152 -6.56 0.16 -13.97
C ASN B 152 -6.31 1.63 -14.30
N LYS B 153 -6.72 2.08 -15.48
CA LYS B 153 -6.68 3.52 -15.74
C LYS B 153 -7.73 4.29 -14.94
N SER B 154 -8.80 3.63 -14.49
CA SER B 154 -9.95 4.34 -13.95
C SER B 154 -10.67 3.46 -12.96
N GLU B 155 -11.23 4.10 -11.93
CA GLU B 155 -12.17 3.40 -11.04
C GLU B 155 -13.37 2.89 -11.82
N ARG B 156 -13.85 3.66 -12.79
CA ARG B 156 -14.93 3.21 -13.65
C ARG B 156 -14.51 1.98 -14.46
N ALA B 157 -13.24 1.93 -14.86
CA ALA B 157 -12.71 0.76 -15.54
C ALA B 157 -12.66 -0.45 -14.61
N LYS B 158 -12.20 -0.25 -13.38
CA LYS B 158 -12.16 -1.33 -12.40
C LYS B 158 -13.55 -1.90 -12.14
N GLN B 159 -14.53 -1.03 -11.89
CA GLN B 159 -15.90 -1.51 -11.64
C GLN B 159 -16.51 -2.14 -12.88
N ALA B 160 -16.19 -1.64 -14.08
CA ALA B 160 -16.65 -2.30 -15.30
C ALA B 160 -16.06 -3.69 -15.44
N ASN B 161 -14.76 -3.84 -15.16
CA ASN B 161 -14.12 -5.15 -15.18
C ASN B 161 -14.72 -6.10 -14.15
N ALA B 162 -15.06 -5.58 -12.97
CA ALA B 162 -15.75 -6.38 -11.96
C ALA B 162 -17.10 -6.87 -12.47
N LEU B 163 -17.88 -5.97 -13.08
CA LEU B 163 -19.16 -6.38 -13.65
C LEU B 163 -18.98 -7.41 -14.76
N HIS B 164 -17.96 -7.22 -15.60
CA HIS B 164 -17.67 -8.14 -16.69
C HIS B 164 -17.33 -9.54 -16.17
N LEU B 165 -16.45 -9.60 -15.16
CA LEU B 165 -16.16 -10.88 -14.51
C LEU B 165 -17.40 -11.50 -13.87
N LEU B 166 -18.23 -10.70 -13.22
CA LEU B 166 -19.44 -11.24 -12.60
C LEU B 166 -20.38 -11.84 -13.63
N LEU B 167 -20.57 -11.15 -14.75
CA LEU B 167 -21.41 -11.65 -15.83
C LEU B 167 -20.85 -12.93 -16.45
N ILE B 168 -19.55 -12.94 -16.74
CA ILE B 168 -18.93 -14.17 -17.25
C ILE B 168 -19.06 -15.30 -16.24
N GLY B 169 -18.92 -15.01 -14.95
CA GLY B 169 -19.12 -16.03 -13.93
C GLY B 169 -20.51 -16.62 -13.96
N PHE B 170 -21.54 -15.77 -14.04
CA PHE B 170 -22.91 -16.26 -14.15
C PHE B 170 -23.10 -17.08 -15.42
N GLU B 171 -22.57 -16.60 -16.55
CA GLU B 171 -22.68 -17.35 -17.79
C GLU B 171 -22.04 -18.73 -17.67
N GLN B 172 -20.88 -18.80 -17.01
CA GLN B 172 -20.24 -20.09 -16.73
C GLN B 172 -21.02 -20.94 -15.74
N ASN B 173 -21.89 -20.34 -14.92
CA ASN B 173 -22.41 -21.04 -13.76
C ASN B 173 -23.94 -21.06 -13.70
N ARG B 174 -24.62 -20.64 -14.77
CA ARG B 174 -26.08 -20.67 -14.78
C ARG B 174 -26.63 -22.09 -14.63
N GLU B 175 -25.81 -23.10 -14.94
CA GLU B 175 -26.15 -24.48 -14.62
C GLU B 175 -26.33 -24.71 -13.13
N ARG B 176 -25.58 -23.98 -12.30
CA ARG B 176 -25.53 -24.24 -10.87
C ARG B 176 -26.16 -23.14 -10.02
N ILE B 177 -26.16 -21.89 -10.49
CA ILE B 177 -26.73 -20.80 -9.72
C ILE B 177 -28.25 -20.96 -9.67
N ASN B 178 -28.81 -21.00 -8.47
CA ASN B 178 -30.24 -20.93 -8.29
C ASN B 178 -30.73 -19.48 -8.32
N THR B 179 -31.98 -19.31 -8.74
CA THR B 179 -32.57 -17.97 -8.84
C THR B 179 -32.64 -17.27 -7.49
N VAL B 180 -32.94 -18.01 -6.42
CA VAL B 180 -33.19 -17.36 -5.13
C VAL B 180 -32.38 -18.01 -4.02
N GLN B 181 -32.23 -19.33 -4.08
CA GLN B 181 -31.43 -20.01 -3.10
C GLN B 181 -29.94 -19.87 -3.41
N ASN B 182 -29.13 -20.02 -2.36
CA ASN B 182 -27.69 -20.17 -2.50
C ASN B 182 -27.39 -21.64 -2.72
N SER B 183 -27.04 -22.00 -3.95
CA SER B 183 -26.78 -23.40 -4.28
C SER B 183 -25.56 -23.91 -3.52
N THR B 184 -25.62 -25.16 -3.11
CA THR B 184 -24.48 -25.87 -2.55
C THR B 184 -23.91 -26.82 -3.60
N TYR B 185 -22.59 -26.81 -3.72
CA TYR B 185 -21.91 -27.67 -4.68
C TYR B 185 -20.57 -28.09 -4.10
N SER B 186 -20.10 -29.25 -4.52
CA SER B 186 -18.98 -29.90 -3.86
C SER B 186 -17.93 -30.33 -4.87
N MET B 187 -16.69 -30.40 -4.40
CA MET B 187 -15.65 -31.21 -5.02
C MET B 187 -15.23 -32.29 -4.03
N ASP B 188 -14.93 -33.47 -4.56
CA ASP B 188 -14.76 -34.65 -3.73
C ASP B 188 -13.36 -35.19 -3.92
N GLN B 189 -12.86 -35.90 -2.90
CA GLN B 189 -11.44 -36.18 -2.79
C GLN B 189 -11.17 -37.59 -3.28
N LEU B 190 -10.35 -37.69 -4.33
CA LEU B 190 -9.57 -38.88 -4.64
C LEU B 190 -8.10 -38.51 -4.56
N ASN B 191 -7.59 -37.87 -5.61
CA ASN B 191 -6.38 -37.04 -5.51
C ASN B 191 -6.86 -35.63 -5.17
N PHE B 192 -6.85 -35.31 -3.87
CA PHE B 192 -7.27 -34.00 -3.40
C PHE B 192 -6.58 -32.87 -4.14
N SER B 193 -5.26 -32.93 -4.26
CA SER B 193 -4.54 -31.86 -4.96
C SER B 193 -4.91 -31.82 -6.44
N SER B 194 -4.84 -32.95 -7.13
CA SER B 194 -4.95 -32.94 -8.58
C SER B 194 -6.37 -32.62 -9.05
N LEU B 195 -7.37 -33.33 -8.54
CA LEU B 195 -8.76 -32.98 -8.82
C LEU B 195 -9.29 -31.86 -7.92
N ALA B 196 -9.27 -32.08 -6.61
CA ALA B 196 -10.11 -31.30 -5.70
C ALA B 196 -9.59 -29.89 -5.51
N GLU B 197 -8.33 -29.75 -5.09
CA GLU B 197 -7.76 -28.42 -4.88
C GLU B 197 -7.58 -27.65 -6.19
N ALA B 198 -7.33 -28.35 -7.30
CA ALA B 198 -7.32 -27.69 -8.59
C ALA B 198 -8.67 -27.07 -8.93
N ALA B 199 -9.75 -27.85 -8.81
CA ALA B 199 -11.08 -27.28 -9.00
C ALA B 199 -11.41 -26.22 -7.96
N GLY B 200 -10.81 -26.29 -6.77
CA GLY B 200 -10.85 -25.21 -5.81
C GLY B 200 -10.27 -23.88 -6.24
N TYR B 201 -8.98 -23.85 -6.60
CA TYR B 201 -8.36 -22.58 -6.95
C TYR B 201 -8.95 -22.00 -8.22
N ALA B 202 -9.36 -22.84 -9.17
CA ALA B 202 -10.02 -22.33 -10.37
C ALA B 202 -11.27 -21.54 -10.03
N ARG B 203 -11.91 -21.84 -8.90
CA ARG B 203 -13.03 -21.07 -8.39
C ARG B 203 -12.63 -20.10 -7.31
N ARG B 204 -11.32 -19.93 -7.08
CA ARG B 204 -10.82 -19.05 -6.04
C ARG B 204 -9.80 -18.06 -6.57
N GLY B 205 -8.72 -18.56 -7.18
CA GLY B 205 -7.70 -17.71 -7.74
C GLY B 205 -8.11 -16.93 -8.96
N ALA B 206 -9.21 -17.33 -9.61
CA ALA B 206 -9.81 -16.49 -10.65
C ALA B 206 -10.47 -15.25 -10.07
N ASN B 207 -10.72 -15.21 -8.76
CA ASN B 207 -11.46 -14.12 -8.12
C ASN B 207 -12.90 -14.04 -8.61
N SER B 208 -13.45 -15.15 -9.08
CA SER B 208 -14.83 -15.15 -9.54
C SER B 208 -15.78 -14.78 -8.41
N ALA B 209 -16.53 -13.69 -8.60
CA ALA B 209 -17.40 -13.12 -7.59
C ALA B 209 -18.68 -13.91 -7.37
N VAL B 210 -18.88 -15.01 -8.10
CA VAL B 210 -20.11 -15.77 -7.94
C VAL B 210 -20.15 -16.51 -6.60
N LEU B 211 -18.99 -16.83 -6.04
CA LEU B 211 -18.95 -17.53 -4.77
C LEU B 211 -18.82 -16.54 -3.61
N LYS B 212 -19.42 -16.91 -2.47
CA LYS B 212 -19.17 -16.19 -1.22
C LYS B 212 -18.56 -17.08 -0.14
N ARG B 213 -18.34 -18.36 -0.40
CA ARG B 213 -17.66 -19.21 0.56
C ARG B 213 -17.11 -20.44 -0.16
N LEU B 214 -15.90 -20.82 0.18
CA LEU B 214 -15.36 -22.15 -0.08
C LEU B 214 -14.93 -22.77 1.24
N ASP B 215 -15.54 -23.91 1.58
CA ASP B 215 -15.22 -24.62 2.82
C ASP B 215 -14.32 -25.80 2.49
N TYR B 216 -13.23 -25.93 3.24
CA TYR B 216 -12.36 -27.09 3.17
C TYR B 216 -12.48 -27.92 4.43
N PHE B 217 -12.62 -29.23 4.28
CA PHE B 217 -12.68 -30.16 5.40
C PHE B 217 -11.40 -30.99 5.45
N CYS B 218 -10.77 -31.02 6.63
CA CYS B 218 -9.36 -31.41 6.72
C CYS B 218 -9.11 -32.09 8.07
N ASN B 219 -8.05 -32.91 8.09
CA ASN B 219 -7.70 -33.73 9.24
C ASN B 219 -6.75 -33.08 10.23
N HIS B 220 -6.06 -32.00 9.85
CA HIS B 220 -4.97 -31.48 10.67
C HIS B 220 -5.44 -31.06 12.06
N SER B 221 -4.68 -31.48 13.07
CA SER B 221 -5.12 -31.45 14.46
C SER B 221 -5.49 -30.05 14.94
N LEU B 222 -4.92 -29.01 14.32
CA LEU B 222 -5.26 -27.64 14.70
C LEU B 222 -6.74 -27.36 14.50
N LEU B 223 -7.37 -28.04 13.55
CA LEU B 223 -8.79 -27.87 13.30
C LEU B 223 -9.65 -28.68 14.26
N LYS B 224 -9.09 -29.73 14.86
CA LYS B 224 -9.90 -30.84 15.36
C LYS B 224 -10.78 -30.44 16.53
N ASP B 225 -10.34 -29.51 17.37
CA ASP B 225 -11.10 -29.13 18.56
C ASP B 225 -12.15 -28.06 18.27
N GLY B 226 -12.78 -28.11 17.10
CA GLY B 226 -13.84 -27.19 16.77
C GLY B 226 -13.42 -25.81 16.35
N ASN B 227 -12.15 -25.62 16.00
CA ASN B 227 -11.65 -24.31 15.62
C ASN B 227 -11.62 -24.21 14.09
N VAL B 228 -12.11 -23.11 13.57
CA VAL B 228 -12.31 -22.94 12.13
C VAL B 228 -11.43 -21.80 11.66
N LEU B 229 -10.51 -22.09 10.75
CA LEU B 229 -9.63 -21.07 10.19
C LEU B 229 -10.36 -20.38 9.04
N VAL B 230 -10.49 -19.07 9.13
CA VAL B 230 -11.12 -18.27 8.07
C VAL B 230 -10.07 -17.39 7.42
N ASP B 231 -9.96 -17.49 6.10
CA ASP B 231 -9.13 -16.60 5.31
C ASP B 231 -10.00 -15.56 4.62
N LEU B 232 -9.44 -14.40 4.36
CA LEU B 232 -10.19 -13.31 3.75
C LEU B 232 -9.33 -12.58 2.74
N PRO B 233 -9.95 -11.99 1.72
CA PRO B 233 -9.19 -11.16 0.77
C PRO B 233 -8.43 -10.07 1.49
N GLY B 234 -7.35 -9.62 0.86
CA GLY B 234 -6.68 -8.42 1.29
C GLY B 234 -7.62 -7.23 1.27
N ILE B 235 -7.77 -6.56 2.42
CA ILE B 235 -8.76 -5.51 2.58
C ILE B 235 -8.50 -4.32 1.67
N ASP B 236 -7.31 -4.22 1.06
CA ASP B 236 -7.10 -3.34 -0.08
C ASP B 236 -7.42 -4.08 -1.38
N ALA B 237 -8.64 -4.57 -1.45
CA ALA B 237 -9.19 -5.15 -2.66
C ALA B 237 -9.88 -4.09 -3.51
N PRO B 238 -9.87 -4.25 -4.83
CA PRO B 238 -10.59 -3.31 -5.69
C PRO B 238 -12.10 -3.52 -5.66
N VAL B 239 -12.53 -4.74 -5.37
CA VAL B 239 -13.93 -5.01 -5.10
C VAL B 239 -14.30 -4.55 -3.70
N LYS B 240 -14.78 -3.30 -3.60
CA LYS B 240 -14.95 -2.64 -2.32
C LYS B 240 -15.95 -3.35 -1.42
N GLU B 241 -16.97 -3.97 -2.02
CA GLU B 241 -18.01 -4.64 -1.23
C GLU B 241 -17.48 -5.89 -0.52
N ASP B 242 -16.64 -6.69 -1.18
CA ASP B 242 -16.13 -7.88 -0.50
C ASP B 242 -15.08 -7.53 0.56
N ALA B 243 -14.41 -6.39 0.43
CA ALA B 243 -13.64 -5.82 1.54
C ALA B 243 -14.54 -5.38 2.69
N GLU B 244 -15.65 -4.70 2.40
CA GLU B 244 -16.57 -4.33 3.46
C GLU B 244 -17.19 -5.55 4.12
N ARG B 245 -17.48 -6.60 3.35
CA ARG B 245 -17.90 -7.88 3.93
C ARG B 245 -16.80 -8.53 4.77
N ALA B 246 -15.54 -8.37 4.38
CA ALA B 246 -14.43 -8.78 5.25
C ALA B 246 -14.48 -8.04 6.59
N TYR B 247 -14.71 -6.73 6.55
CA TYR B 247 -14.96 -6.00 7.79
C TYR B 247 -16.17 -6.53 8.55
N ARG B 248 -17.24 -6.87 7.85
CA ARG B 248 -18.40 -7.49 8.50
C ARG B 248 -18.01 -8.77 9.23
N LYS B 249 -17.21 -9.61 8.58
CA LYS B 249 -16.80 -10.89 9.16
C LYS B 249 -15.87 -10.69 10.34
N ILE B 250 -15.02 -9.67 10.30
CA ILE B 250 -14.13 -9.36 11.43
C ILE B 250 -14.93 -8.82 12.60
N GLU B 251 -15.80 -7.85 12.32
CA GLU B 251 -16.54 -7.13 13.35
C GLU B 251 -17.67 -7.93 13.98
N SER B 252 -18.43 -8.70 13.18
CA SER B 252 -19.64 -9.29 13.70
C SER B 252 -19.33 -10.44 14.67
N PRO B 253 -20.12 -10.57 15.75
CA PRO B 253 -19.97 -11.68 16.69
C PRO B 253 -20.03 -13.08 16.08
N ASP B 254 -20.29 -13.19 14.78
CA ASP B 254 -20.15 -14.49 14.13
C ASP B 254 -18.75 -15.06 14.28
N THR B 255 -17.76 -14.19 14.43
CA THR B 255 -16.38 -14.56 14.69
C THR B 255 -15.94 -13.95 16.01
N SER B 256 -14.97 -14.59 16.66
CA SER B 256 -14.07 -13.81 17.52
C SER B 256 -12.75 -14.59 17.67
N ALA B 257 -11.84 -14.34 16.74
CA ALA B 257 -10.40 -14.40 16.90
C ALA B 257 -9.84 -13.59 15.74
N VAL B 258 -8.68 -12.98 15.93
CA VAL B 258 -8.04 -12.27 14.82
C VAL B 258 -6.56 -12.54 14.81
N ILE B 259 -6.03 -12.79 13.61
CA ILE B 259 -4.60 -12.71 13.33
C ILE B 259 -4.43 -11.58 12.32
N CYS B 260 -3.66 -10.56 12.69
CA CYS B 260 -3.31 -9.50 11.75
C CYS B 260 -1.96 -9.82 11.12
N VAL B 261 -1.89 -9.74 9.80
CA VAL B 261 -0.67 -10.02 9.05
C VAL B 261 -0.21 -8.70 8.46
N LEU B 262 0.97 -8.27 8.83
CA LEU B 262 1.39 -6.88 8.66
C LEU B 262 2.68 -6.79 7.86
N LYS B 263 2.71 -5.86 6.89
CA LYS B 263 3.87 -5.58 6.05
C LYS B 263 5.11 -4.92 6.65
N PRO B 264 5.10 -4.31 7.86
CA PRO B 264 6.16 -3.33 8.19
C PRO B 264 7.58 -3.81 7.96
N ALA B 265 7.87 -5.11 8.08
CA ALA B 265 9.18 -5.59 7.71
C ALA B 265 9.49 -5.29 6.24
N ALA B 266 8.57 -5.64 5.34
CA ALA B 266 8.72 -5.27 3.94
C ALA B 266 8.43 -3.79 3.68
N ALA B 267 7.31 -3.27 4.20
CA ALA B 267 6.92 -1.90 3.90
C ALA B 267 7.76 -0.85 4.62
N GLY B 268 8.26 -1.16 5.81
CA GLY B 268 8.98 -0.21 6.62
C GLY B 268 8.14 0.48 7.67
N ASP B 269 6.82 0.54 7.48
CA ASP B 269 5.95 1.19 8.47
C ASP B 269 4.55 0.64 8.32
N MET B 270 3.74 0.88 9.35
CA MET B 270 2.31 0.58 9.29
C MET B 270 1.62 1.45 8.25
N SER B 271 0.84 0.81 7.38
CA SER B 271 0.09 1.55 6.37
C SER B 271 -1.26 1.99 6.92
N ALA B 272 -1.83 3.02 6.29
CA ALA B 272 -3.17 3.48 6.65
C ALA B 272 -4.20 2.37 6.49
N GLU B 273 -4.00 1.49 5.51
CA GLU B 273 -4.80 0.27 5.40
C GLU B 273 -4.81 -0.53 6.69
N GLU B 274 -3.64 -0.68 7.31
CA GLU B 274 -3.54 -1.50 8.51
C GLU B 274 -4.00 -0.77 9.76
N THR B 275 -3.79 0.54 9.83
CA THR B 275 -4.32 1.29 10.96
C THR B 275 -5.84 1.32 10.92
N GLN B 276 -6.44 1.39 9.73
CA GLN B 276 -7.89 1.27 9.64
C GLN B 276 -8.37 -0.06 10.21
N LEU B 277 -7.65 -1.14 9.90
CA LEU B 277 -8.00 -2.45 10.44
C LEU B 277 -7.89 -2.47 11.95
N LEU B 278 -6.82 -1.88 12.50
CA LEU B 278 -6.65 -1.85 13.94
C LEU B 278 -7.74 -1.04 14.63
N GLU B 279 -8.16 0.07 14.02
CA GLU B 279 -9.29 0.84 14.55
C GLU B 279 -10.58 0.02 14.53
N ARG B 280 -10.86 -0.66 13.41
CA ARG B 280 -12.07 -1.47 13.34
C ARG B 280 -12.05 -2.62 14.34
N ILE B 281 -10.88 -3.19 14.60
CA ILE B 281 -10.76 -4.19 15.66
C ILE B 281 -11.02 -3.56 17.02
N SER B 282 -10.43 -2.39 17.27
CA SER B 282 -10.63 -1.67 18.53
C SER B 282 -12.10 -1.37 18.79
N LYS B 283 -12.87 -1.13 17.72
CA LYS B 283 -14.29 -0.80 17.90
C LYS B 283 -15.11 -1.98 18.41
N ASN B 284 -14.73 -3.22 18.09
CA ASN B 284 -15.46 -4.35 18.67
C ASN B 284 -15.26 -4.40 20.18
N HIS B 285 -16.35 -4.67 20.90
CA HIS B 285 -16.40 -4.48 22.35
C HIS B 285 -15.47 -5.40 23.13
N GLY B 286 -15.03 -6.51 22.55
CA GLY B 286 -14.26 -7.47 23.34
C GLY B 286 -13.14 -8.21 22.64
N ILE B 287 -13.01 -8.02 21.33
CA ILE B 287 -12.04 -8.80 20.57
C ILE B 287 -10.60 -8.48 20.98
N ARG B 288 -10.33 -7.25 21.42
CA ARG B 288 -8.95 -6.76 21.48
C ARG B 288 -8.06 -7.67 22.34
N ASP B 289 -8.61 -8.32 23.35
CA ASP B 289 -7.84 -9.29 24.13
C ASP B 289 -7.43 -10.51 23.30
N ARG B 290 -8.27 -10.90 22.34
CA ARG B 290 -8.04 -12.11 21.55
C ARG B 290 -6.91 -11.93 20.52
N VAL B 291 -6.65 -10.71 20.09
CA VAL B 291 -6.09 -10.46 18.77
C VAL B 291 -4.57 -10.61 18.81
N PHE B 292 -4.01 -11.21 17.76
CA PHE B 292 -2.59 -11.44 17.62
C PHE B 292 -2.05 -10.60 16.47
N TYR B 293 -0.79 -10.21 16.58
CA TYR B 293 -0.08 -9.59 15.46
C TYR B 293 1.00 -10.54 14.95
N VAL B 294 1.11 -10.63 13.63
CA VAL B 294 2.15 -11.42 12.98
C VAL B 294 2.85 -10.55 11.95
N PHE B 295 4.16 -10.38 12.11
CA PHE B 295 4.98 -9.76 11.09
C PHE B 295 5.41 -10.81 10.07
N ASN B 296 5.14 -10.54 8.79
CA ASN B 296 5.39 -11.47 7.71
C ASN B 296 6.17 -10.77 6.61
N ARG B 297 6.84 -11.56 5.77
CA ARG B 297 8.02 -11.13 5.02
C ARG B 297 9.13 -10.62 5.93
N ILE B 298 9.41 -11.35 7.01
CA ILE B 298 10.50 -10.95 7.90
C ILE B 298 11.84 -11.04 7.19
N ASP B 299 11.99 -11.95 6.22
CA ASP B 299 13.29 -12.24 5.64
C ASP B 299 13.97 -11.00 5.09
N ASP B 300 13.19 -10.08 4.53
CA ASP B 300 13.74 -8.79 4.08
C ASP B 300 14.46 -8.03 5.17
N THR B 301 14.18 -8.27 6.45
CA THR B 301 14.97 -7.63 7.49
C THR B 301 16.35 -8.25 7.66
N TRP B 302 16.56 -9.51 7.24
CA TRP B 302 17.91 -10.04 7.23
C TRP B 302 18.83 -9.28 6.28
N TYR B 303 18.29 -8.72 5.21
CA TYR B 303 19.12 -8.07 4.20
C TYR B 303 19.43 -6.62 4.51
N ASN B 304 18.55 -5.90 5.20
CA ASN B 304 18.69 -4.46 5.37
C ASN B 304 18.79 -4.14 6.85
N THR B 305 19.82 -3.39 7.23
CA THR B 305 19.89 -2.87 8.59
C THR B 305 18.71 -1.96 8.90
N GLN B 306 18.34 -1.11 7.94
CA GLN B 306 17.32 -0.09 8.17
C GLN B 306 15.96 -0.70 8.49
N LEU B 307 15.54 -1.70 7.73
CA LEU B 307 14.26 -2.34 8.02
C LEU B 307 14.28 -3.09 9.35
N ARG B 308 15.39 -3.71 9.70
CA ARG B 308 15.49 -4.38 11.00
C ARG B 308 15.42 -3.39 12.15
N GLN B 309 16.07 -2.23 12.02
CA GLN B 309 15.98 -1.19 13.04
C GLN B 309 14.57 -0.61 13.12
N ARG B 310 13.98 -0.28 11.97
CA ARG B 310 12.61 0.21 11.94
C ARG B 310 11.66 -0.75 12.63
N LEU B 311 11.73 -2.05 12.27
CA LEU B 311 10.83 -3.03 12.86
C LEU B 311 11.07 -3.20 14.36
N GLU B 312 12.32 -3.18 14.81
CA GLU B 312 12.58 -3.26 16.26
C GLU B 312 11.98 -2.06 16.98
N GLY B 313 12.21 -0.85 16.45
CA GLY B 313 11.62 0.33 17.04
C GLY B 313 10.11 0.29 17.08
N LEU B 314 9.49 -0.16 15.99
CA LEU B 314 8.04 -0.33 15.94
C LEU B 314 7.55 -1.30 16.99
N ILE B 315 8.17 -2.47 17.08
CA ILE B 315 7.69 -3.50 18.01
C ILE B 315 7.83 -3.03 19.45
N GLN B 316 9.00 -2.50 19.81
CA GLN B 316 9.21 -2.03 21.18
C GLN B 316 8.36 -0.80 21.51
N SER B 317 8.01 0.02 20.53
CA SER B 317 7.07 1.12 20.78
C SER B 317 5.64 0.63 20.98
N GLN B 318 5.07 0.02 19.94
CA GLN B 318 3.63 -0.22 19.89
C GLN B 318 3.20 -1.58 20.41
N PHE B 319 4.09 -2.56 20.50
CA PHE B 319 3.68 -3.97 20.58
C PHE B 319 4.40 -4.68 21.72
N ARG B 320 4.18 -4.17 22.93
CA ARG B 320 4.76 -4.75 24.15
C ARG B 320 4.22 -6.14 24.45
N ASP B 321 3.16 -6.58 23.76
CA ASP B 321 2.42 -7.79 24.12
C ASP B 321 3.17 -9.03 23.63
N ASN B 322 4.31 -9.29 24.28
CA ASN B 322 5.32 -10.18 23.74
C ASN B 322 4.84 -11.61 23.59
N SER B 323 3.74 -11.98 24.25
CA SER B 323 3.10 -13.28 24.07
C SER B 323 2.09 -13.31 22.92
N ARG B 324 1.89 -12.18 22.23
CA ARG B 324 0.91 -12.11 21.16
C ARG B 324 1.51 -11.53 19.88
N VAL B 325 2.84 -11.53 19.77
CA VAL B 325 3.54 -11.02 18.61
C VAL B 325 4.53 -12.08 18.15
N TYR B 326 4.57 -12.32 16.85
CA TYR B 326 5.48 -13.31 16.28
C TYR B 326 6.07 -12.77 14.97
N LYS B 327 7.33 -13.08 14.74
CA LYS B 327 7.97 -12.85 13.45
C LYS B 327 8.05 -14.16 12.69
N THR B 328 7.72 -14.11 11.39
CA THR B 328 7.67 -15.32 10.57
C THR B 328 8.02 -14.94 9.14
N SER B 329 8.42 -15.96 8.37
CA SER B 329 8.39 -15.91 6.92
C SER B 329 7.81 -17.23 6.40
N GLY B 330 6.50 -17.22 6.14
CA GLY B 330 5.82 -18.44 5.73
C GLY B 330 6.43 -19.11 4.52
N LEU B 331 6.93 -18.32 3.57
CA LEU B 331 7.55 -18.89 2.37
C LEU B 331 8.72 -19.79 2.71
N LEU B 332 9.49 -19.48 3.74
CA LEU B 332 10.59 -20.35 4.10
C LEU B 332 10.18 -21.50 5.00
N GLY B 333 9.20 -21.29 5.88
CA GLY B 333 8.79 -22.35 6.80
C GLY B 333 8.00 -23.45 6.11
N PHE B 334 6.98 -23.06 5.34
CA PHE B 334 6.12 -24.04 4.70
C PHE B 334 6.89 -24.92 3.72
N TYR B 335 7.65 -24.30 2.81
CA TYR B 335 8.51 -25.09 1.94
C TYR B 335 9.62 -25.82 2.70
N GLY B 336 10.14 -25.25 3.79
CA GLY B 336 11.13 -25.97 4.58
C GLY B 336 10.61 -27.29 5.07
N SER B 337 9.40 -27.28 5.63
CA SER B 337 8.79 -28.54 6.06
C SER B 337 8.51 -29.45 4.88
N GLN B 338 8.02 -28.89 3.77
CA GLN B 338 7.84 -29.67 2.55
C GLN B 338 9.17 -30.25 2.04
N VAL B 339 10.22 -29.43 1.99
CA VAL B 339 11.53 -29.90 1.55
C VAL B 339 12.05 -31.06 2.40
N LYS B 340 11.82 -31.02 3.71
CA LYS B 340 12.22 -32.15 4.56
C LYS B 340 11.60 -33.47 4.12
N GLN B 341 10.40 -33.45 3.54
CA GLN B 341 9.83 -34.66 2.97
C GLN B 341 10.58 -35.14 1.72
N THR B 342 11.16 -34.23 0.96
CA THR B 342 11.71 -34.57 -0.35
C THR B 342 12.96 -35.44 -0.22
N ASN B 343 13.47 -35.86 -1.38
CA ASN B 343 14.62 -36.75 -1.47
C ASN B 343 15.54 -36.26 -2.59
N SER B 344 16.78 -36.75 -2.58
CA SER B 344 17.77 -36.29 -3.54
C SER B 344 17.40 -36.68 -4.97
N SER B 345 16.89 -37.90 -5.16
CA SER B 345 16.43 -38.34 -6.46
C SER B 345 15.28 -37.47 -6.99
N THR B 346 14.45 -36.94 -6.08
CA THR B 346 13.43 -35.97 -6.45
C THR B 346 14.04 -34.71 -7.05
N ARG B 347 15.29 -34.40 -6.69
CA ARG B 347 15.86 -33.04 -6.72
C ARG B 347 15.14 -32.12 -5.75
N PHE B 348 14.97 -32.62 -4.53
CA PHE B 348 14.55 -31.85 -3.37
C PHE B 348 13.36 -30.93 -3.64
N GLY B 349 12.35 -31.48 -4.32
CA GLY B 349 11.13 -30.76 -4.59
C GLY B 349 11.05 -30.03 -5.91
N LEU B 350 12.15 -29.91 -6.66
CA LEU B 350 12.05 -29.41 -8.02
C LEU B 350 11.19 -30.31 -8.90
N ASP B 351 10.99 -31.56 -8.48
CA ASP B 351 9.83 -32.35 -8.85
C ASP B 351 8.96 -32.62 -7.62
N SER B 352 7.65 -32.77 -7.87
CA SER B 352 6.61 -32.99 -6.88
C SER B 352 6.36 -31.84 -5.93
N ILE B 353 7.05 -30.71 -6.06
CA ILE B 353 6.58 -29.48 -5.42
C ILE B 353 6.48 -28.36 -6.45
N PHE B 354 7.62 -27.88 -6.94
CA PHE B 354 7.64 -26.73 -7.83
C PHE B 354 7.36 -27.11 -9.28
N ALA B 355 6.90 -28.35 -9.51
CA ALA B 355 6.84 -28.91 -10.85
C ALA B 355 6.00 -28.05 -11.79
N THR B 356 4.98 -27.37 -11.28
CA THR B 356 4.27 -26.38 -12.07
C THR B 356 5.10 -25.13 -12.26
N THR B 357 5.61 -24.56 -11.17
CA THR B 357 6.30 -23.27 -11.26
C THR B 357 7.59 -23.38 -12.06
N ILE B 358 8.28 -24.51 -11.97
CA ILE B 358 9.57 -24.68 -12.62
C ILE B 358 9.45 -24.49 -14.14
N LYS B 359 8.32 -24.88 -14.72
CA LYS B 359 8.11 -24.74 -16.16
C LYS B 359 7.79 -23.27 -16.46
N GLY B 360 8.75 -22.60 -17.09
CA GLY B 360 8.67 -21.17 -17.27
C GLY B 360 7.61 -20.73 -18.26
N PHE B 361 7.68 -19.45 -18.61
CA PHE B 361 6.84 -18.90 -19.66
C PHE B 361 7.08 -19.61 -20.99
N ASP B 362 8.32 -20.01 -21.26
CA ASP B 362 8.65 -20.86 -22.39
C ASP B 362 8.72 -22.33 -22.01
N GLY B 363 8.29 -22.69 -20.80
CA GLY B 363 8.33 -24.06 -20.33
C GLY B 363 9.67 -24.56 -19.86
N GLU B 364 10.76 -23.86 -20.16
CA GLU B 364 12.06 -24.26 -19.66
C GLU B 364 12.15 -24.04 -18.15
N GLU B 365 13.21 -24.56 -17.55
CA GLU B 365 13.39 -24.44 -16.11
C GLU B 365 13.59 -22.98 -15.73
N GLU B 366 12.68 -22.46 -14.90
CA GLU B 366 12.84 -21.16 -14.29
C GLU B 366 12.75 -21.28 -12.78
N THR B 367 13.41 -20.36 -12.08
CA THR B 367 13.63 -20.50 -10.66
C THR B 367 12.38 -20.23 -9.84
N PRO B 368 11.89 -21.20 -9.07
CA PRO B 368 10.84 -20.91 -8.10
C PRO B 368 11.38 -20.05 -6.96
N GLN B 369 10.52 -19.19 -6.41
CA GLN B 369 10.98 -18.15 -5.50
C GLN B 369 11.68 -18.73 -4.28
N PHE B 370 11.26 -19.91 -3.84
CA PHE B 370 11.93 -20.60 -2.75
C PHE B 370 13.42 -20.77 -3.01
N VAL B 371 13.80 -21.09 -4.25
CA VAL B 371 15.22 -21.33 -4.51
C VAL B 371 16.01 -20.02 -4.52
N SER B 372 15.45 -18.95 -5.10
CA SER B 372 16.18 -17.68 -5.10
C SER B 372 16.28 -17.06 -3.72
N GLU B 373 15.33 -17.30 -2.83
CA GLU B 373 15.44 -16.79 -1.47
C GLU B 373 15.70 -17.90 -0.47
N PHE B 374 16.27 -18.98 -0.96
CA PHE B 374 17.05 -19.93 -0.20
C PHE B 374 18.52 -19.68 -0.44
N ASN B 375 18.92 -19.51 -1.70
CA ASN B 375 20.30 -19.11 -2.00
C ASN B 375 20.63 -17.75 -1.40
N ASN B 376 19.72 -16.78 -1.47
CA ASN B 376 19.92 -15.53 -0.76
C ASN B 376 19.93 -15.69 0.76
N TYR B 377 19.52 -16.83 1.30
CA TYR B 377 19.66 -17.09 2.73
C TYR B 377 20.95 -17.84 3.08
N CYS B 378 21.45 -18.69 2.20
CA CYS B 378 22.68 -19.43 2.49
C CYS B 378 23.92 -18.56 2.25
N ALA B 379 24.05 -18.03 1.04
CA ALA B 379 24.99 -16.94 0.82
C ALA B 379 24.52 -15.67 1.51
N ASN B 380 25.44 -14.71 1.62
CA ASN B 380 25.11 -13.29 1.69
C ASN B 380 24.45 -12.89 3.00
N SER B 381 23.46 -13.66 3.47
CA SER B 381 22.68 -13.25 4.64
C SER B 381 22.74 -14.29 5.75
N GLY B 382 21.83 -14.18 6.70
CA GLY B 382 21.60 -15.16 7.74
C GLY B 382 22.79 -15.38 8.65
N LYS B 383 22.72 -16.47 9.40
CA LYS B 383 23.57 -16.68 10.55
C LYS B 383 24.52 -17.87 10.38
N LEU B 384 24.64 -18.40 9.17
CA LEU B 384 25.43 -19.61 8.96
C LEU B 384 26.88 -19.45 9.40
N LEU B 385 27.35 -18.20 9.54
CA LEU B 385 28.65 -17.91 10.12
C LEU B 385 28.90 -18.70 11.40
N SER B 386 27.85 -18.92 12.20
CA SER B 386 28.01 -19.64 13.46
C SER B 386 27.83 -21.15 13.34
N THR B 387 27.42 -21.65 12.17
CA THR B 387 27.28 -23.08 12.00
C THR B 387 28.56 -23.68 11.39
N ALA B 388 28.59 -25.00 11.34
CA ALA B 388 29.66 -25.73 10.66
C ALA B 388 29.52 -25.72 9.14
N PHE B 389 28.39 -25.29 8.62
CA PHE B 389 28.03 -25.54 7.21
C PHE B 389 28.84 -24.61 6.31
N ARG B 390 29.75 -25.18 5.52
CA ARG B 390 30.55 -24.43 4.55
C ARG B 390 29.78 -24.16 3.26
N VAL B 391 28.54 -23.67 3.38
CA VAL B 391 27.70 -23.48 2.21
C VAL B 391 28.27 -22.39 1.33
N SER B 392 28.21 -22.60 0.01
CA SER B 392 28.64 -21.59 -0.94
C SER B 392 27.81 -21.71 -2.21
N VAL B 393 27.69 -20.58 -2.92
CA VAL B 393 26.79 -20.46 -4.06
C VAL B 393 27.56 -19.84 -5.21
N ASN B 394 27.48 -20.44 -6.38
CA ASN B 394 28.34 -20.11 -7.50
C ASN B 394 27.53 -19.46 -8.61
N GLY B 395 28.02 -18.33 -9.12
CA GLY B 395 27.41 -17.59 -10.18
C GLY B 395 27.62 -18.11 -11.59
N TYR B 396 28.41 -19.17 -11.75
CA TYR B 396 28.59 -19.83 -13.03
C TYR B 396 27.77 -21.10 -13.15
N GLU B 397 26.95 -21.40 -12.14
CA GLU B 397 26.05 -22.54 -12.13
C GLU B 397 24.63 -22.01 -12.07
N THR B 398 23.68 -22.77 -12.61
CA THR B 398 22.31 -22.30 -12.62
C THR B 398 21.77 -22.18 -11.20
N SER B 399 20.67 -21.44 -11.07
CA SER B 399 19.98 -21.30 -9.79
C SER B 399 19.49 -22.62 -9.22
N ASN B 400 19.18 -23.61 -10.07
CA ASN B 400 18.82 -24.92 -9.54
C ASN B 400 20.03 -25.79 -9.19
N GLU B 401 21.08 -25.77 -10.01
CA GLU B 401 22.29 -26.50 -9.65
C GLU B 401 22.86 -26.04 -8.32
N ASN B 402 22.83 -24.73 -8.07
CA ASN B 402 23.27 -24.19 -6.79
C ASN B 402 22.43 -24.71 -5.63
N TYR B 403 21.18 -25.10 -5.90
CA TYR B 403 20.32 -25.67 -4.87
C TYR B 403 20.52 -27.17 -4.73
N VAL B 404 20.54 -27.88 -5.85
CA VAL B 404 20.71 -29.33 -5.82
C VAL B 404 22.03 -29.71 -5.17
N ARG B 405 23.11 -29.01 -5.53
CA ARG B 405 24.41 -29.28 -4.91
C ARG B 405 24.35 -29.13 -3.40
N ILE B 406 23.84 -27.98 -2.92
CA ILE B 406 23.80 -27.75 -1.47
C ILE B 406 23.02 -28.84 -0.77
N LEU B 407 21.79 -29.09 -1.21
CA LEU B 407 20.96 -30.09 -0.53
C LEU B 407 21.50 -31.50 -0.68
N SER B 408 22.27 -31.77 -1.74
CA SER B 408 22.90 -33.08 -1.92
C SER B 408 24.02 -33.38 -0.93
N GLU B 409 24.43 -32.44 -0.08
CA GLU B 409 25.51 -32.77 0.85
C GLU B 409 25.31 -32.19 2.25
N TRP B 410 24.82 -30.96 2.36
CA TRP B 410 24.52 -30.36 3.66
C TRP B 410 23.04 -30.44 4.02
N GLY B 411 22.21 -31.03 3.18
CA GLY B 411 20.81 -30.67 3.10
C GLY B 411 19.96 -30.76 4.35
N ILE B 412 19.67 -31.97 4.82
CA ILE B 412 18.67 -32.15 5.88
C ILE B 412 19.08 -31.42 7.15
N PRO B 413 20.36 -31.33 7.52
CA PRO B 413 20.70 -30.46 8.66
C PRO B 413 20.36 -29.01 8.37
N LEU B 414 20.74 -28.53 7.18
CA LEU B 414 20.65 -27.11 6.86
C LEU B 414 19.20 -26.63 6.81
N VAL B 415 18.29 -27.50 6.36
CA VAL B 415 16.88 -27.14 6.30
C VAL B 415 16.31 -26.85 7.69
N ASP B 416 16.79 -27.53 8.73
CA ASP B 416 16.39 -27.17 10.09
C ASP B 416 16.94 -25.82 10.52
N GLN B 417 18.16 -25.48 10.10
CA GLN B 417 18.68 -24.15 10.39
C GLN B 417 17.86 -23.08 9.69
N LEU B 418 17.42 -23.36 8.46
CA LEU B 418 16.51 -22.45 7.77
C LEU B 418 15.20 -22.28 8.51
N ILE B 419 14.54 -23.39 8.84
CA ILE B 419 13.24 -23.33 9.51
C ILE B 419 13.35 -22.58 10.85
N HIS B 420 14.37 -22.90 11.65
CA HIS B 420 14.52 -22.22 12.93
C HIS B 420 15.05 -20.80 12.82
N ASP B 421 15.56 -20.39 11.66
CA ASP B 421 15.74 -18.97 11.42
C ASP B 421 14.42 -18.29 11.06
N SER B 422 13.63 -18.93 10.21
CA SER B 422 12.34 -18.34 9.81
C SER B 422 11.37 -18.28 10.98
N GLY B 423 11.38 -19.26 11.87
CA GLY B 423 10.66 -19.13 13.12
C GLY B 423 9.22 -19.59 13.10
N ILE B 424 8.77 -20.19 12.00
CA ILE B 424 7.44 -20.78 11.93
C ILE B 424 7.22 -21.85 13.00
N GLU B 425 8.28 -22.49 13.47
CA GLU B 425 8.14 -23.43 14.58
C GLU B 425 7.82 -22.74 15.91
N SER B 426 8.13 -21.45 16.05
CA SER B 426 7.60 -20.70 17.18
C SER B 426 6.13 -20.35 17.02
N PHE B 427 5.75 -19.88 15.83
CA PHE B 427 4.39 -19.42 15.56
C PHE B 427 3.37 -20.55 15.64
N ARG B 428 3.62 -21.64 14.92
CA ARG B 428 2.73 -22.80 14.99
C ARG B 428 2.65 -23.37 16.40
N SER B 429 3.76 -23.38 17.13
CA SER B 429 3.73 -23.82 18.53
C SER B 429 2.85 -22.91 19.38
N GLY B 430 3.01 -21.60 19.22
CA GLY B 430 2.25 -20.67 20.03
C GLY B 430 0.74 -20.73 19.78
N ILE B 431 0.35 -20.73 18.51
CA ILE B 431 -1.08 -20.93 18.21
C ILE B 431 -1.57 -22.31 18.62
N GLY B 432 -0.77 -23.36 18.42
CA GLY B 432 -1.17 -24.68 18.86
C GLY B 432 -1.45 -24.75 20.36
N LEU B 433 -0.62 -24.07 21.16
CA LEU B 433 -0.85 -23.98 22.58
C LEU B 433 -2.08 -23.13 22.91
N TYR B 434 -2.19 -21.94 22.32
CA TYR B 434 -3.29 -21.04 22.65
C TYR B 434 -4.65 -21.61 22.29
N LEU B 435 -4.80 -22.21 21.11
CA LEU B 435 -6.11 -22.65 20.66
C LEU B 435 -6.67 -23.83 21.45
N ALA B 436 -5.82 -24.71 21.98
CA ALA B 436 -6.32 -25.72 22.90
C ALA B 436 -6.37 -25.24 24.36
N GLU B 437 -5.23 -24.83 24.90
CA GLU B 437 -5.10 -24.68 26.35
C GLU B 437 -5.69 -23.36 26.87
N GLU B 438 -5.28 -22.24 26.28
CA GLU B 438 -5.72 -20.93 26.77
C GLU B 438 -7.17 -20.60 26.45
N LYS B 439 -7.61 -20.86 25.22
CA LYS B 439 -8.88 -20.28 24.74
C LYS B 439 -10.11 -20.76 25.51
N TYR B 440 -10.19 -22.05 25.85
CA TYR B 440 -11.38 -22.53 26.55
C TYR B 440 -11.50 -21.96 27.97
N PRO B 441 -10.46 -22.02 28.81
CA PRO B 441 -10.50 -21.26 30.07
C PRO B 441 -10.72 -19.78 29.87
N GLU B 442 -10.10 -19.16 28.87
CA GLU B 442 -10.23 -17.71 28.72
C GLU B 442 -11.67 -17.32 28.42
N LEU B 443 -12.36 -18.11 27.59
CA LEU B 443 -13.77 -17.83 27.32
C LEU B 443 -14.65 -18.02 28.54
N PHE B 444 -14.36 -19.03 29.37
CA PHE B 444 -15.13 -19.14 30.61
C PHE B 444 -14.77 -18.06 31.62
N ALA B 445 -13.50 -17.65 31.67
CA ALA B 445 -13.09 -16.60 32.59
C ALA B 445 -13.71 -15.27 32.20
N THR B 446 -13.72 -14.93 30.92
CA THR B 446 -14.38 -13.69 30.48
C THR B 446 -15.88 -13.76 30.72
N LEU B 447 -16.51 -14.91 30.50
CA LEU B 447 -17.92 -15.05 30.84
C LEU B 447 -18.17 -14.79 32.33
N ALA B 448 -17.37 -15.40 33.20
CA ALA B 448 -17.51 -15.17 34.64
C ALA B 448 -17.24 -13.71 35.01
N ASN B 449 -16.26 -13.09 34.36
CA ASN B 449 -15.92 -11.70 34.64
C ASN B 449 -17.07 -10.77 34.26
N ASP B 450 -17.66 -10.96 33.07
CA ASP B 450 -18.81 -10.14 32.69
C ASP B 450 -20.05 -10.44 33.53
N LEU B 451 -20.24 -11.69 33.96
CA LEU B 451 -21.28 -12.01 34.94
C LEU B 451 -21.07 -11.32 36.29
N GLN B 452 -19.82 -11.09 36.69
CA GLN B 452 -19.56 -10.57 38.03
C GLN B 452 -20.18 -9.22 38.34
N PRO B 453 -20.04 -8.17 37.52
CA PRO B 453 -20.87 -6.97 37.74
C PRO B 453 -22.36 -7.25 37.71
N LEU B 454 -22.83 -8.11 36.81
CA LEU B 454 -24.26 -8.41 36.73
C LEU B 454 -24.77 -9.03 38.02
N CYS B 455 -24.02 -10.01 38.55
CA CYS B 455 -24.40 -10.67 39.79
C CYS B 455 -24.28 -9.75 41.00
N ILE B 456 -23.26 -8.89 41.02
CA ILE B 456 -23.14 -7.90 42.08
C ILE B 456 -24.30 -6.92 42.06
N ALA B 457 -24.66 -6.42 40.87
CA ALA B 457 -25.82 -5.54 40.74
C ALA B 457 -27.11 -6.18 41.23
N LEU B 458 -27.37 -7.43 40.81
CA LEU B 458 -28.56 -8.12 41.30
C LEU B 458 -28.53 -8.35 42.81
N ARG B 459 -27.38 -8.77 43.36
CA ARG B 459 -27.28 -9.00 44.80
C ARG B 459 -27.48 -7.71 45.59
N GLN B 460 -26.86 -6.62 45.14
CA GLN B 460 -27.08 -5.32 45.75
C GLN B 460 -28.54 -4.89 45.70
N PHE B 461 -29.17 -4.98 44.53
CA PHE B 461 -30.57 -4.57 44.41
C PHE B 461 -31.46 -5.37 45.37
N TYR B 462 -31.33 -6.69 45.36
CA TYR B 462 -32.15 -7.53 46.22
C TYR B 462 -31.91 -7.26 47.70
N LEU B 463 -30.64 -7.26 48.12
CA LEU B 463 -30.33 -7.06 49.53
C LEU B 463 -30.69 -5.66 50.02
N GLU B 464 -30.52 -4.64 49.18
CA GLU B 464 -30.92 -3.30 49.58
C GLU B 464 -32.43 -3.13 49.65
N ASN B 465 -33.17 -3.81 48.77
CA ASN B 465 -34.63 -3.82 48.90
C ASN B 465 -35.06 -4.49 50.20
N TYR B 466 -34.55 -5.68 50.47
CA TYR B 466 -35.01 -6.41 51.65
C TYR B 466 -34.48 -5.86 52.97
N ARG B 467 -33.29 -5.25 52.99
CA ARG B 467 -32.91 -4.46 54.16
C ARG B 467 -33.77 -3.22 54.33
N GLN B 468 -34.21 -2.59 53.24
CA GLN B 468 -35.15 -1.48 53.36
C GLN B 468 -36.48 -1.93 53.97
N LEU B 469 -37.04 -3.01 53.43
CA LEU B 469 -38.29 -3.56 53.97
C LEU B 469 -38.15 -4.01 55.43
N ASP B 470 -37.08 -4.75 55.74
CA ASP B 470 -36.83 -5.15 57.12
C ASP B 470 -36.62 -3.96 58.05
N SER B 471 -36.07 -2.86 57.54
CA SER B 471 -35.86 -1.70 58.40
C SER B 471 -37.16 -0.95 58.64
N GLN B 472 -38.02 -0.86 57.63
CA GLN B 472 -39.40 -0.47 57.84
C GLN B 472 -40.17 -1.59 58.54
N PRO B 473 -41.45 -1.42 58.82
CA PRO B 473 -42.36 -2.57 58.92
C PRO B 473 -42.29 -3.46 57.68
N LYS B 483 -53.36 -11.96 54.89
CA LYS B 483 -52.56 -10.92 54.24
C LYS B 483 -51.07 -11.25 54.29
N ILE B 484 -50.60 -11.79 55.41
CA ILE B 484 -49.24 -12.27 55.53
C ILE B 484 -48.99 -13.46 54.60
N ALA B 485 -49.97 -14.35 54.45
CA ALA B 485 -49.80 -15.45 53.49
C ALA B 485 -49.65 -14.94 52.06
N ARG B 486 -50.34 -13.86 51.70
CA ARG B 486 -50.15 -13.27 50.37
C ARG B 486 -48.78 -12.59 50.24
N ASN B 487 -48.45 -11.74 51.21
CA ASN B 487 -47.16 -11.05 51.20
C ASN B 487 -46.00 -12.04 51.19
N SER B 488 -46.09 -13.06 52.05
CA SER B 488 -45.09 -14.12 52.09
C SER B 488 -45.09 -14.97 50.83
N ARG B 489 -46.23 -15.16 50.17
CA ARG B 489 -46.20 -15.85 48.89
C ARG B 489 -45.36 -15.07 47.87
N LEU B 490 -45.51 -13.75 47.86
CA LEU B 490 -44.67 -12.94 46.97
C LEU B 490 -43.22 -12.96 47.40
N GLN B 491 -42.95 -12.71 48.68
CA GLN B 491 -41.59 -12.63 49.20
C GLN B 491 -40.88 -13.97 49.08
N SER B 492 -41.55 -15.07 49.42
CA SER B 492 -40.97 -16.39 49.27
C SER B 492 -40.82 -16.82 47.82
N GLU B 493 -41.69 -16.39 46.92
CA GLU B 493 -41.46 -16.69 45.50
C GLU B 493 -40.19 -16.00 44.99
N ILE B 494 -40.03 -14.72 45.28
CA ILE B 494 -38.79 -14.02 44.88
C ILE B 494 -37.59 -14.56 45.66
N LYS B 495 -37.77 -14.93 46.93
CA LYS B 495 -36.71 -15.59 47.69
C LYS B 495 -36.32 -16.94 47.10
N GLN B 496 -37.29 -17.69 46.56
CA GLN B 496 -36.97 -18.94 45.87
C GLN B 496 -36.27 -18.67 44.55
N LYS B 497 -36.60 -17.57 43.89
CA LYS B 497 -35.80 -17.11 42.75
C LYS B 497 -34.37 -16.80 43.17
N ILE B 498 -34.19 -16.20 44.33
CA ILE B 498 -32.85 -15.99 44.90
C ILE B 498 -32.17 -17.30 45.26
N ASP B 499 -32.92 -18.29 45.74
CA ASP B 499 -32.38 -19.63 45.98
C ASP B 499 -31.97 -20.30 44.67
N LEU B 500 -32.72 -20.06 43.61
CA LEU B 500 -32.34 -20.54 42.28
C LEU B 500 -31.08 -19.83 41.79
N TYR B 501 -31.00 -18.51 42.01
CA TYR B 501 -29.77 -17.77 41.76
C TYR B 501 -28.58 -18.36 42.49
N GLN B 502 -28.73 -18.66 43.78
CA GLN B 502 -27.70 -19.35 44.54
C GLN B 502 -27.34 -20.71 43.93
N THR B 503 -28.34 -21.49 43.52
CA THR B 503 -28.09 -22.79 42.91
C THR B 503 -27.30 -22.66 41.61
N SER B 504 -27.73 -21.73 40.76
CA SER B 504 -27.03 -21.46 39.50
C SER B 504 -25.60 -21.00 39.74
N ILE B 505 -25.39 -20.10 40.70
CA ILE B 505 -24.05 -19.61 40.96
C ILE B 505 -23.16 -20.70 41.57
N VAL B 506 -23.73 -21.58 42.38
CA VAL B 506 -23.00 -22.77 42.85
C VAL B 506 -22.60 -23.66 41.67
N SER B 507 -23.54 -23.90 40.75
CA SER B 507 -23.22 -24.70 39.55
C SER B 507 -22.14 -24.05 38.70
N ILE B 508 -22.21 -22.73 38.50
CA ILE B 508 -21.19 -22.01 37.75
C ILE B 508 -19.84 -22.09 38.44
N ASN B 509 -19.82 -21.88 39.76
CA ASN B 509 -18.56 -21.96 40.50
C ASN B 509 -17.98 -23.38 40.49
N GLU B 510 -18.83 -24.40 40.50
CA GLU B 510 -18.36 -25.77 40.31
C GLU B 510 -17.78 -26.00 38.91
N CYS B 511 -18.42 -25.44 37.89
CA CYS B 511 -17.87 -25.51 36.54
C CYS B 511 -16.50 -24.83 36.46
N LEU B 512 -16.39 -23.62 37.00
CA LEU B 512 -15.12 -22.90 37.03
C LEU B 512 -14.05 -23.66 37.81
N LYS B 513 -14.42 -24.23 38.96
CA LYS B 513 -13.49 -25.04 39.73
C LYS B 513 -12.99 -26.24 38.94
N ALA B 514 -13.91 -26.95 38.28
CA ALA B 514 -13.50 -28.04 37.41
C ALA B 514 -12.60 -27.54 36.28
N MET B 515 -12.82 -26.32 35.81
CA MET B 515 -11.98 -25.69 34.82
C MET B 515 -10.76 -24.99 35.44
N GLN B 516 -10.60 -25.08 36.77
CA GLN B 516 -9.53 -24.39 37.49
C GLN B 516 -9.58 -22.88 37.29
N ILE B 517 -10.79 -22.32 37.34
CA ILE B 517 -11.03 -20.89 37.28
C ILE B 517 -11.49 -20.44 38.66
N PHE B 518 -10.80 -19.44 39.22
CA PHE B 518 -10.93 -19.11 40.64
C PHE B 518 -11.53 -17.73 40.90
N GLU B 519 -11.81 -16.94 39.85
CA GLU B 519 -12.47 -15.66 40.02
C GLU B 519 -13.97 -15.83 40.20
N GLN B 520 -14.37 -16.69 41.13
CA GLN B 520 -15.73 -17.19 41.21
C GLN B 520 -16.68 -16.13 41.77
N LEU B 521 -17.98 -16.37 41.55
CA LEU B 521 -19.07 -15.43 41.77
C LEU B 521 -19.59 -15.55 43.21
N PRO B 522 -20.18 -14.49 43.76
CA PRO B 522 -20.49 -14.46 45.19
C PRO B 522 -21.71 -15.29 45.53
PG GNP C . 8.59 8.38 0.38
O1G GNP C . 8.78 9.54 -0.55
O2G GNP C . 7.26 7.69 0.08
O3G GNP C . 8.57 8.89 1.85
N3B GNP C . 9.87 7.27 0.20
PB GNP C . 10.72 7.22 -1.20
O1B GNP C . 9.90 6.59 -2.29
O2B GNP C . 11.17 8.59 -1.60
O3A GNP C . 12.04 6.29 -0.93
PA GNP C . 13.43 6.91 -0.49
O1A GNP C . 14.05 7.56 -1.73
O2A GNP C . 13.28 7.80 0.67
O5' GNP C . 14.24 5.63 -0.08
C5' GNP C . 14.61 4.63 -1.06
C4' GNP C . 14.90 3.35 -0.33
O4' GNP C . 14.00 2.32 -0.78
C3' GNP C . 16.31 2.80 -0.55
O3' GNP C . 17.20 3.24 0.46
C2' GNP C . 16.08 1.28 -0.48
O2' GNP C . 16.02 0.84 0.87
C1' GNP C . 14.71 1.17 -1.16
N9 GNP C . 14.81 1.15 -2.63
C8 GNP C . 14.52 2.18 -3.49
N7 GNP C . 14.72 1.88 -4.75
C5 GNP C . 15.18 0.57 -4.72
C6 GNP C . 15.58 -0.32 -5.77
O6 GNP C . 15.57 -0.08 -6.98
N1 GNP C . 15.97 -1.55 -5.30
C2 GNP C . 16.01 -1.91 -3.98
N2 GNP C . 16.42 -3.14 -3.69
N3 GNP C . 15.65 -1.10 -2.99
C4 GNP C . 15.25 0.12 -3.42
MG MG D . 10.62 9.35 0.00
PG GNP E . -4.15 -11.25 -0.94
O1G GNP E . -4.96 -12.00 0.08
O2G GNP E . -4.02 -9.79 -0.49
O3G GNP E . -4.87 -11.29 -2.31
N3B GNP E . -2.60 -11.95 -1.09
PB GNP E . -1.98 -12.84 0.13
O1B GNP E . -1.56 -11.95 1.28
O2B GNP E . -2.96 -13.87 0.60
O3A GNP E . -0.65 -13.60 -0.45
PA GNP E . -0.72 -15.07 -1.06
O1A GNP E . -0.85 -16.02 0.13
O2A GNP E . -1.78 -15.18 -2.07
O5' GNP E . 0.68 -15.21 -1.74
C5' GNP E . 1.88 -15.22 -0.95
C4' GNP E . 3.04 -14.86 -1.85
O4' GNP E . 3.68 -13.67 -1.36
C3' GNP E . 4.14 -15.92 -1.93
O3' GNP E . 3.94 -16.80 -3.03
C2' GNP E . 5.40 -15.06 -2.13
O2' GNP E . 5.54 -14.66 -3.49
C1' GNP E . 5.07 -13.87 -1.24
N9 GNP E . 5.37 -14.11 0.18
C8 GNP E . 4.47 -14.37 1.18
N7 GNP E . 5.05 -14.55 2.35
C5 GNP E . 6.40 -14.41 2.10
C6 GNP E . 7.55 -14.49 2.97
O6 GNP E . 7.54 -14.73 4.17
N1 GNP E . 8.72 -14.29 2.30
C2 GNP E . 8.84 -14.02 0.96
N2 GNP E . 10.07 -13.84 0.48
N3 GNP E . 7.79 -13.93 0.14
C4 GNP E . 6.62 -14.14 0.77
MG MG F . -4.14 -13.52 -0.79
#